data_8S0K
#
_entry.id   8S0K
#
_cell.length_a   46.068
_cell.length_b   212.580
_cell.length_c   55.926
_cell.angle_alpha   90.00
_cell.angle_beta   97.12
_cell.angle_gamma   90.00
#
_symmetry.space_group_name_H-M   'P 1 21 1'
#
loop_
_entity.id
_entity.type
_entity.pdbx_description
1 polymer 'Tyrosine-protein phosphatase non-receptor type 11'
2 non-polymer 3-[2,3-bis(chloranyl)phenyl]-5-methyl-6-(piperazin-1-ylmethyl)-1H-pyrrolo[3,2-b]pyridine
3 water water
#
_entity_poly.entity_id   1
_entity_poly.type   'polypeptide(L)'
_entity_poly.pdbx_seq_one_letter_code
;HMTSRRWFHPNITGVEAENLLLTRGVDGSFLARPSKSNPGDFTLSVRRNGAVTHIKIQNTGDYYDLYGGEKFATLAELVQ
YYMEHHGQLKEKNGDVIELKYPLNCADPTSERWFHGHLSGKEAEKLLTEKGKHGSFLVRESQSHPGDFVLSVRTGDDKGE
SNDGKSKVTHVMIRCQELKYDVGGGERFDSLTDLVEHYKKNPMVETLGTVLQLKQPLNTTRINAAEIESRVRELSKLAET
TDKVKQGFWEEFETLQQQECKLLYSRKEGQRQENKNKNRYKNILPFDHTRVVLHDGDPNEPVSDYINANIIMPEFETKCN
NSKPKKSYIATQGCLQNTVNDFWRMVFQENSRVIVMTTKEVERGKSKCVKYWPDEYALKEYGVMRVRNVKESAAHDYTLR
ELKLSKVGQGNTERTVWQYHFRTWPDHGVPSDPGGVLDFLEEVHHKQESIMDAGPVVVHCSAGIGRTGTFIVIDILIDII
REKGVDCDIDVPKTIQMVRSQRSGMVQTEAQYRFIYMAVQHYIETLQRRLEHHHHHH
;
_entity_poly.pdbx_strand_id   A,B
#
# COMPACT_ATOMS: atom_id res chain seq x y z
N SER A 4 5.03 -11.47 3.97
CA SER A 4 3.81 -11.86 4.77
C SER A 4 3.63 -13.39 4.77
N ARG A 5 2.79 -13.87 5.69
CA ARG A 5 2.74 -15.31 6.02
C ARG A 5 1.30 -15.72 6.32
N ARG A 6 0.34 -15.22 5.55
CA ARG A 6 -1.06 -15.35 5.93
C ARG A 6 -1.60 -16.74 5.55
N TRP A 7 -0.81 -17.55 4.86
CA TRP A 7 -1.24 -18.86 4.40
C TRP A 7 -1.12 -19.87 5.54
N PHE A 8 -0.54 -19.48 6.67
CA PHE A 8 -0.48 -20.34 7.86
C PHE A 8 -1.68 -20.07 8.76
N HIS A 9 -2.43 -21.13 9.07
CA HIS A 9 -3.63 -21.06 9.89
C HIS A 9 -3.38 -21.83 11.19
N PRO A 10 -3.18 -21.14 12.31
CA PRO A 10 -2.78 -21.87 13.53
C PRO A 10 -3.85 -22.78 14.16
N ASN A 11 -5.15 -22.51 13.92
CA ASN A 11 -6.20 -23.12 14.73
C ASN A 11 -7.27 -23.77 13.84
N ILE A 12 -6.85 -24.54 12.84
CA ILE A 12 -7.79 -25.08 11.88
C ILE A 12 -7.67 -26.62 11.92
N THR A 13 -8.82 -27.28 11.81
CA THR A 13 -8.86 -28.73 11.66
C THR A 13 -8.69 -29.11 10.18
N GLY A 14 -8.32 -30.37 9.96
CA GLY A 14 -8.26 -30.95 8.64
C GLY A 14 -9.53 -30.67 7.85
N VAL A 15 -10.69 -30.84 8.48
CA VAL A 15 -11.97 -30.67 7.79
C VAL A 15 -12.23 -29.18 7.54
N GLU A 16 -11.93 -28.29 8.47
CA GLU A 16 -12.07 -26.85 8.21
C GLU A 16 -11.16 -26.44 7.02
N ALA A 17 -9.99 -27.07 6.93
CA ALA A 17 -9.01 -26.76 5.88
C ALA A 17 -9.58 -27.13 4.51
N GLU A 18 -10.12 -28.34 4.40
CA GLU A 18 -10.80 -28.76 3.18
C GLU A 18 -11.95 -27.80 2.86
N ASN A 19 -12.80 -27.52 3.84
CA ASN A 19 -13.96 -26.67 3.61
C ASN A 19 -13.52 -25.30 3.10
N LEU A 20 -12.45 -24.76 3.68
CA LEU A 20 -11.94 -23.43 3.27
C LEU A 20 -11.47 -23.47 1.82
N LEU A 21 -10.65 -24.46 1.49
CA LEU A 21 -10.08 -24.57 0.16
C LEU A 21 -11.17 -24.85 -0.88
N LEU A 22 -12.23 -25.56 -0.52
CA LEU A 22 -13.24 -25.94 -1.50
C LEU A 22 -14.23 -24.80 -1.70
N THR A 23 -14.49 -24.02 -0.66
CA THR A 23 -15.52 -23.01 -0.71
C THR A 23 -14.94 -21.62 -1.02
N ARG A 24 -13.68 -21.36 -0.65
CA ARG A 24 -13.11 -20.00 -0.84
C ARG A 24 -11.82 -20.02 -1.67
N GLY A 25 -11.28 -21.20 -1.97
CA GLY A 25 -10.11 -21.33 -2.83
C GLY A 25 -10.49 -21.79 -4.23
N VAL A 26 -9.48 -21.93 -5.08
CA VAL A 26 -9.61 -22.48 -6.41
C VAL A 26 -8.48 -23.50 -6.58
N ASP A 27 -8.40 -24.14 -7.75
CA ASP A 27 -7.27 -25.05 -8.01
C ASP A 27 -5.99 -24.22 -7.92
N GLY A 28 -5.03 -24.71 -7.11
CA GLY A 28 -3.75 -24.05 -6.81
C GLY A 28 -3.71 -23.35 -5.47
N SER A 29 -4.84 -23.20 -4.80
CA SER A 29 -4.92 -22.60 -3.47
C SER A 29 -4.33 -23.57 -2.46
N PHE A 30 -3.72 -23.01 -1.42
CA PHE A 30 -3.03 -23.80 -0.40
C PHE A 30 -3.01 -23.06 0.95
N LEU A 31 -2.85 -23.81 2.01
CA LEU A 31 -2.64 -23.24 3.33
C LEU A 31 -1.77 -24.24 4.11
N ALA A 32 -1.11 -23.80 5.18
CA ALA A 32 -0.45 -24.70 6.08
C ALA A 32 -1.06 -24.54 7.48
N ARG A 33 -0.88 -25.57 8.30
CA ARG A 33 -1.53 -25.65 9.59
C ARG A 33 -0.76 -26.65 10.47
N PRO A 34 -0.82 -26.46 11.78
CA PRO A 34 -0.27 -27.44 12.69
C PRO A 34 -1.21 -28.65 12.87
N SER A 35 -0.67 -29.80 13.23
CA SER A 35 -1.43 -30.80 13.99
C SER A 35 -1.46 -30.38 15.46
N LYS A 36 -2.65 -30.34 16.06
CA LYS A 36 -2.81 -29.80 17.42
C LYS A 36 -2.61 -30.92 18.45
N SER A 37 -2.64 -32.18 17.99
CA SER A 37 -2.14 -33.30 18.78
C SER A 37 -0.62 -33.33 18.71
N ASN A 38 -0.10 -33.83 17.58
CA ASN A 38 1.32 -34.09 17.39
C ASN A 38 2.03 -32.75 17.13
N PRO A 39 2.90 -32.32 18.06
CA PRO A 39 3.61 -31.06 17.86
C PRO A 39 4.88 -31.31 17.05
N GLY A 40 5.24 -30.33 16.23
CA GLY A 40 6.24 -30.52 15.19
C GLY A 40 5.69 -31.26 13.98
N ASP A 41 4.39 -31.55 13.96
CA ASP A 41 3.79 -32.03 12.75
C ASP A 41 2.95 -30.87 12.18
N PHE A 42 3.08 -30.69 10.88
CA PHE A 42 2.35 -29.67 10.12
C PHE A 42 1.73 -30.36 8.91
N THR A 43 0.75 -29.72 8.29
CA THR A 43 0.22 -30.20 7.06
C THR A 43 0.13 -29.03 6.08
N LEU A 44 0.59 -29.27 4.86
CA LEU A 44 0.29 -28.40 3.71
C LEU A 44 -0.94 -28.97 2.98
N SER A 45 -2.04 -28.19 2.92
CA SER A 45 -3.21 -28.59 2.21
C SER A 45 -3.31 -27.80 0.89
N VAL A 46 -3.49 -28.52 -0.21
CA VAL A 46 -3.49 -27.95 -1.55
C VAL A 46 -4.70 -28.43 -2.32
N ARG A 47 -5.45 -27.50 -2.92
CA ARG A 47 -6.50 -27.87 -3.84
C ARG A 47 -5.89 -28.08 -5.23
N ARG A 48 -6.40 -29.11 -5.90
CA ARG A 48 -6.00 -29.43 -7.26
C ARG A 48 -7.06 -30.35 -7.85
N ASN A 49 -7.50 -30.04 -9.07
CA ASN A 49 -8.48 -30.86 -9.80
C ASN A 49 -9.81 -30.90 -9.06
N GLY A 50 -10.11 -29.90 -8.25
CA GLY A 50 -11.39 -29.82 -7.54
C GLY A 50 -11.39 -30.58 -6.21
N ALA A 51 -10.24 -31.15 -5.81
CA ALA A 51 -10.13 -31.90 -4.53
C ALA A 51 -8.95 -31.38 -3.71
N VAL A 52 -8.87 -31.79 -2.45
CA VAL A 52 -7.83 -31.31 -1.52
C VAL A 52 -6.86 -32.45 -1.22
N THR A 53 -5.56 -32.17 -1.31
CA THR A 53 -4.49 -33.06 -0.85
C THR A 53 -3.89 -32.51 0.45
N HIS A 54 -3.54 -33.42 1.37
CA HIS A 54 -2.84 -33.05 2.58
C HIS A 54 -1.44 -33.64 2.55
N ILE A 55 -0.41 -32.80 2.62
CA ILE A 55 0.97 -33.25 2.61
C ILE A 55 1.60 -33.02 3.98
N LYS A 56 2.22 -34.06 4.54
CA LYS A 56 2.75 -33.95 5.88
C LYS A 56 4.13 -33.28 5.85
N ILE A 57 4.36 -32.42 6.84
CA ILE A 57 5.68 -31.82 7.11
C ILE A 57 6.01 -32.19 8.56
N GLN A 58 7.13 -32.87 8.73
CA GLN A 58 7.61 -33.27 10.05
C GLN A 58 8.84 -32.45 10.43
N ASN A 59 8.93 -32.07 11.69
CA ASN A 59 10.12 -31.44 12.22
C ASN A 59 10.39 -32.04 13.60
N THR A 60 11.47 -32.79 13.75
CA THR A 60 11.82 -33.37 15.05
C THR A 60 12.89 -32.53 15.73
N GLY A 61 13.32 -31.46 15.08
CA GLY A 61 14.32 -30.55 15.68
C GLY A 61 15.39 -30.08 14.72
N ASP A 62 15.53 -30.69 13.54
CA ASP A 62 16.67 -30.36 12.68
C ASP A 62 16.34 -29.60 11.36
N TYR A 63 15.10 -29.74 10.90
CA TYR A 63 14.58 -29.20 9.60
C TYR A 63 13.11 -29.60 9.45
N TYR A 64 12.41 -28.87 8.58
CA TYR A 64 11.05 -29.22 8.12
C TYR A 64 11.22 -30.20 6.96
N ASP A 65 10.61 -31.37 7.09
CA ASP A 65 10.78 -32.36 6.09
C ASP A 65 9.43 -32.55 5.42
N LEU A 66 9.32 -32.07 4.18
CA LEU A 66 8.09 -32.20 3.40
C LEU A 66 8.04 -33.61 2.79
N TYR A 67 6.94 -34.34 3.03
CA TYR A 67 6.81 -35.70 2.47
C TYR A 67 6.82 -35.62 0.94
N GLY A 68 7.70 -36.39 0.29
CA GLY A 68 7.80 -36.41 -1.17
C GLY A 68 8.31 -35.08 -1.73
N GLY A 69 9.11 -34.40 -0.92
CA GLY A 69 9.66 -33.10 -1.22
C GLY A 69 11.00 -32.91 -0.52
N GLU A 70 11.39 -31.67 -0.29
CA GLU A 70 12.72 -31.34 0.18
C GLU A 70 12.66 -30.98 1.67
N LYS A 71 13.84 -30.72 2.23
CA LYS A 71 13.98 -30.28 3.60
C LYS A 71 14.27 -28.78 3.63
N PHE A 72 13.66 -28.07 4.56
CA PHE A 72 13.63 -26.61 4.59
C PHE A 72 13.96 -26.08 5.99
N ALA A 73 14.52 -24.87 6.04
CA ALA A 73 14.85 -24.26 7.33
C ALA A 73 13.65 -23.55 7.97
N THR A 74 12.71 -23.06 7.16
CA THR A 74 11.45 -22.50 7.67
C THR A 74 10.30 -22.83 6.71
N LEU A 75 9.08 -22.78 7.21
CA LEU A 75 7.94 -22.94 6.34
C LEU A 75 7.87 -21.80 5.32
N ALA A 76 8.26 -20.59 5.72
CA ALA A 76 8.23 -19.49 4.72
C ALA A 76 9.22 -19.80 3.57
N GLU A 77 10.41 -20.31 3.90
CA GLU A 77 11.38 -20.64 2.86
C GLU A 77 10.82 -21.80 2.02
N LEU A 78 10.12 -22.73 2.66
CA LEU A 78 9.49 -23.86 1.93
C LEU A 78 8.47 -23.35 0.90
N VAL A 79 7.61 -22.43 1.33
CA VAL A 79 6.56 -21.91 0.46
C VAL A 79 7.21 -21.06 -0.66
N GLN A 80 8.18 -20.23 -0.32
CA GLN A 80 8.85 -19.41 -1.31
C GLN A 80 9.39 -20.32 -2.42
N TYR A 81 10.05 -21.41 -2.01
CA TYR A 81 10.71 -22.30 -2.95
C TYR A 81 9.68 -22.86 -3.95
N TYR A 82 8.57 -23.37 -3.47
CA TYR A 82 7.61 -24.04 -4.36
C TYR A 82 6.79 -23.02 -5.15
N MET A 83 6.51 -21.84 -4.59
CA MET A 83 5.78 -20.83 -5.37
C MET A 83 6.65 -20.33 -6.54
N GLU A 84 7.98 -20.41 -6.41
CA GLU A 84 8.92 -20.00 -7.48
C GLU A 84 9.49 -21.20 -8.26
N HIS A 85 9.05 -22.43 -7.99
CA HIS A 85 9.54 -23.64 -8.72
C HIS A 85 8.38 -24.59 -9.02
N HIS A 86 7.79 -24.47 -10.21
CA HIS A 86 6.71 -25.39 -10.66
C HIS A 86 7.28 -26.79 -10.95
N GLY A 87 6.40 -27.78 -10.93
CA GLY A 87 6.75 -29.15 -11.31
C GLY A 87 7.61 -29.84 -10.26
N GLN A 88 7.88 -29.15 -9.15
CA GLN A 88 8.86 -29.61 -8.19
C GLN A 88 8.17 -30.39 -7.08
N LEU A 89 7.05 -29.89 -6.58
CA LEU A 89 6.34 -30.65 -5.55
C LEU A 89 5.52 -31.73 -6.24
N LYS A 90 5.68 -32.97 -5.81
CA LYS A 90 5.05 -34.10 -6.49
C LYS A 90 4.29 -34.98 -5.49
N GLU A 91 3.11 -35.41 -5.97
CA GLU A 91 2.27 -36.44 -5.36
C GLU A 91 3.08 -37.74 -5.24
N LYS A 92 2.59 -38.67 -4.42
CA LYS A 92 3.19 -40.01 -4.27
C LYS A 92 3.19 -40.76 -5.61
N ASN A 93 2.05 -40.79 -6.31
CA ASN A 93 1.92 -41.49 -7.60
C ASN A 93 2.21 -40.54 -8.77
N GLY A 94 3.08 -39.53 -8.56
CA GLY A 94 3.80 -38.89 -9.68
C GLY A 94 3.41 -37.44 -9.91
N ASP A 95 2.12 -37.13 -9.86
CA ASP A 95 1.59 -35.85 -10.36
C ASP A 95 2.18 -34.62 -9.66
N VAL A 96 2.20 -33.50 -10.37
CA VAL A 96 2.72 -32.25 -9.81
C VAL A 96 1.61 -31.57 -9.00
N ILE A 97 2.00 -31.06 -7.84
CA ILE A 97 1.13 -30.30 -6.98
C ILE A 97 1.59 -28.84 -7.09
N GLU A 98 0.71 -27.97 -7.58
CA GLU A 98 1.08 -26.57 -7.76
C GLU A 98 0.62 -25.74 -6.56
N LEU A 99 1.54 -24.97 -5.98
CA LEU A 99 1.20 -23.96 -4.97
C LEU A 99 1.14 -22.59 -5.69
N LYS A 100 -0.06 -22.12 -5.92
CA LYS A 100 -0.30 -20.92 -6.74
C LYS A 100 -0.82 -19.79 -5.85
N TYR A 101 -1.89 -20.07 -5.10
CA TYR A 101 -2.68 -19.03 -4.44
C TYR A 101 -2.77 -19.30 -2.92
N PRO A 102 -2.00 -18.56 -2.14
CA PRO A 102 -2.16 -18.68 -0.72
C PRO A 102 -3.60 -18.37 -0.30
N LEU A 103 -4.13 -19.20 0.60
CA LEU A 103 -5.45 -18.95 1.19
C LEU A 103 -5.22 -18.27 2.53
N ASN A 104 -5.60 -17.00 2.61
CA ASN A 104 -5.17 -16.13 3.72
C ASN A 104 -6.03 -16.37 4.96
N CYS A 105 -5.34 -16.42 6.10
CA CYS A 105 -5.94 -16.63 7.42
C CYS A 105 -6.34 -15.31 8.07
N ALA A 106 -7.50 -15.26 8.71
CA ALA A 106 -8.05 -14.05 9.32
C ALA A 106 -7.77 -14.01 10.84
N ASP A 107 -7.32 -15.12 11.39
CA ASP A 107 -7.14 -15.31 12.83
C ASP A 107 -6.01 -14.39 13.33
N PRO A 108 -6.27 -13.52 14.32
CA PRO A 108 -5.20 -12.65 14.89
C PRO A 108 -4.32 -13.23 16.02
N THR A 109 -4.51 -14.48 16.42
CA THR A 109 -3.91 -14.98 17.67
C THR A 109 -2.37 -15.02 17.61
N SER A 110 -1.77 -14.98 16.42
CA SER A 110 -0.30 -15.06 16.29
C SER A 110 0.34 -13.69 16.01
N GLU A 111 -0.47 -12.64 16.06
CA GLU A 111 0.06 -11.31 15.88
C GLU A 111 0.60 -10.80 17.20
N ARG A 112 1.79 -10.22 17.15
CA ARG A 112 2.45 -9.69 18.35
C ARG A 112 1.56 -8.70 19.09
N TRP A 113 0.77 -7.93 18.33
CA TRP A 113 -0.04 -6.85 18.88
C TRP A 113 -1.36 -7.37 19.48
N PHE A 114 -1.72 -8.63 19.22
CA PHE A 114 -3.02 -9.10 19.72
C PHE A 114 -2.92 -9.63 21.16
N HIS A 115 -3.71 -9.09 22.08
CA HIS A 115 -3.72 -9.54 23.48
C HIS A 115 -5.13 -9.89 23.94
N GLY A 116 -5.92 -10.57 23.12
CA GLY A 116 -7.38 -10.66 23.24
C GLY A 116 -7.92 -10.37 24.64
N HIS A 117 -7.51 -11.22 25.58
CA HIS A 117 -8.00 -11.27 26.97
C HIS A 117 -7.85 -9.94 27.71
N LEU A 118 -6.86 -9.13 27.35
CA LEU A 118 -6.48 -7.93 28.11
C LEU A 118 -7.72 -7.05 28.38
N SER A 119 -7.84 -6.54 29.60
CA SER A 119 -8.87 -5.56 29.94
C SER A 119 -8.32 -4.15 29.71
N GLY A 120 -9.19 -3.14 29.81
CA GLY A 120 -8.82 -1.74 29.55
C GLY A 120 -7.73 -1.22 30.47
N LYS A 121 -7.88 -1.47 31.78
CA LYS A 121 -6.95 -0.93 32.77
C LYS A 121 -5.62 -1.68 32.69
N GLU A 122 -5.71 -2.99 32.47
CA GLU A 122 -4.54 -3.86 32.28
C GLU A 122 -3.72 -3.39 31.06
N ALA A 123 -4.42 -3.08 29.96
CA ALA A 123 -3.82 -2.51 28.75
C ALA A 123 -3.17 -1.15 29.03
N GLU A 124 -3.85 -0.31 29.82
CA GLU A 124 -3.35 1.03 30.15
C GLU A 124 -2.04 0.92 30.96
N LYS A 125 -2.04 0.11 32.02
CA LYS A 125 -0.83 -0.02 32.86
C LYS A 125 0.34 -0.55 32.03
N LEU A 126 0.08 -1.56 31.19
CA LEU A 126 1.14 -2.14 30.38
C LEU A 126 1.75 -1.07 29.48
N LEU A 127 0.91 -0.31 28.76
CA LEU A 127 1.42 0.72 27.85
C LEU A 127 2.13 1.82 28.65
N THR A 128 1.60 2.14 29.82
CA THR A 128 2.15 3.18 30.68
C THR A 128 3.57 2.82 31.16
N GLU A 129 3.81 1.56 31.49
CA GLU A 129 5.05 1.15 32.19
C GLU A 129 6.07 0.61 31.18
N LYS A 130 5.62 -0.28 30.32
CA LYS A 130 6.48 -0.99 29.40
C LYS A 130 6.56 -0.26 28.06
N GLY A 131 5.54 0.52 27.72
CA GLY A 131 5.40 1.03 26.36
C GLY A 131 6.15 2.33 26.12
N LYS A 132 6.25 2.66 24.85
CA LYS A 132 7.02 3.76 24.31
C LYS A 132 6.12 4.54 23.35
N HIS A 133 6.58 5.67 22.81
CA HIS A 133 5.79 6.38 21.78
C HIS A 133 5.55 5.46 20.57
N GLY A 134 4.29 5.33 20.16
CA GLY A 134 3.92 4.48 19.03
C GLY A 134 3.76 3.02 19.43
N SER A 135 3.90 2.66 20.70
CA SER A 135 3.59 1.31 21.14
C SER A 135 2.07 1.10 21.12
N PHE A 136 1.61 -0.04 20.61
CA PHE A 136 0.16 -0.30 20.51
C PHE A 136 -0.14 -1.79 20.73
N LEU A 137 -1.42 -2.07 20.92
CA LEU A 137 -1.96 -3.43 21.07
C LEU A 137 -3.46 -3.40 20.73
N VAL A 138 -4.00 -4.59 20.45
CA VAL A 138 -5.42 -4.77 20.17
C VAL A 138 -5.94 -5.83 21.15
N ARG A 139 -7.10 -5.52 21.74
CA ARG A 139 -7.74 -6.35 22.76
C ARG A 139 -9.24 -6.48 22.47
N GLU A 140 -9.83 -7.56 22.97
CA GLU A 140 -11.31 -7.75 22.86
C GLU A 140 -12.03 -6.75 23.77
N SER A 141 -13.13 -6.15 23.28
CA SER A 141 -13.91 -5.20 24.05
C SER A 141 -14.62 -5.94 25.19
N GLN A 142 -14.74 -5.25 26.33
CA GLN A 142 -15.45 -5.80 27.48
C GLN A 142 -16.91 -5.33 27.42
N SER A 143 -17.12 -4.07 27.06
CA SER A 143 -18.48 -3.49 27.04
C SER A 143 -19.27 -3.98 25.83
N HIS A 144 -18.64 -4.09 24.66
CA HIS A 144 -19.31 -4.62 23.47
C HIS A 144 -18.65 -5.95 23.07
N PRO A 145 -19.29 -7.09 23.39
CA PRO A 145 -18.77 -8.40 22.94
C PRO A 145 -18.70 -8.56 21.41
N GLY A 146 -17.60 -9.08 20.92
CA GLY A 146 -17.37 -9.32 19.48
C GLY A 146 -16.54 -8.23 18.83
N ASP A 147 -16.55 -7.04 19.44
CA ASP A 147 -15.76 -5.90 19.05
C ASP A 147 -14.36 -5.96 19.66
N PHE A 148 -13.52 -5.01 19.26
CA PHE A 148 -12.11 -4.98 19.66
C PHE A 148 -11.72 -3.54 19.99
N VAL A 149 -10.57 -3.38 20.63
CA VAL A 149 -10.08 -2.06 21.02
C VAL A 149 -8.61 -1.92 20.64
N LEU A 150 -8.27 -0.83 19.97
CA LEU A 150 -6.87 -0.51 19.64
C LEU A 150 -6.41 0.53 20.65
N SER A 151 -5.33 0.22 21.33
CA SER A 151 -4.82 1.06 22.40
C SER A 151 -3.40 1.49 22.04
N VAL A 152 -3.11 2.78 22.12
CA VAL A 152 -1.88 3.31 21.55
C VAL A 152 -1.31 4.40 22.46
N ARG A 153 -0.01 4.30 22.73
CA ARG A 153 0.73 5.29 23.46
C ARG A 153 1.37 6.28 22.48
N THR A 154 1.28 7.56 22.80
CA THR A 154 1.90 8.63 22.01
C THR A 154 2.54 9.65 22.97
N GLY A 155 3.77 10.09 22.66
CA GLY A 155 4.34 11.26 23.34
C GLY A 155 5.86 11.34 23.22
N ASP A 156 6.50 11.74 24.31
CA ASP A 156 7.93 12.11 24.33
C ASP A 156 8.92 10.93 24.24
N ASP A 157 9.34 10.39 25.39
CA ASP A 157 10.54 9.53 25.56
C ASP A 157 11.78 10.37 25.90
N SER A 161 9.73 10.56 33.99
CA SER A 161 8.67 10.60 35.00
C SER A 161 7.32 10.89 34.33
N ASN A 162 6.24 10.66 35.08
CA ASN A 162 4.87 10.78 34.56
C ASN A 162 4.37 12.22 34.73
N ASP A 163 4.53 13.03 33.69
CA ASP A 163 4.24 14.48 33.77
C ASP A 163 3.30 15.01 32.67
N GLY A 164 2.63 14.13 31.93
CA GLY A 164 1.64 14.55 30.94
C GLY A 164 2.21 14.61 29.53
N LYS A 165 3.51 14.33 29.37
CA LYS A 165 4.18 14.39 28.07
C LYS A 165 3.66 13.28 27.14
N SER A 166 3.07 12.22 27.72
CA SER A 166 2.63 11.07 26.96
C SER A 166 1.19 10.73 27.32
N LYS A 167 0.57 9.84 26.54
CA LYS A 167 -0.82 9.49 26.77
C LYS A 167 -1.15 8.16 26.11
N VAL A 168 -2.27 7.58 26.53
CA VAL A 168 -2.83 6.44 25.84
C VAL A 168 -4.17 6.87 25.25
N THR A 169 -4.40 6.51 24.00
CA THR A 169 -5.72 6.68 23.39
C THR A 169 -6.25 5.29 23.03
N HIS A 170 -7.56 5.14 23.17
CA HIS A 170 -8.28 3.90 22.85
C HIS A 170 -9.16 4.13 21.62
N VAL A 171 -9.13 3.22 20.64
CA VAL A 171 -9.94 3.35 19.42
C VAL A 171 -10.82 2.10 19.32
N MET A 172 -12.13 2.30 19.23
CA MET A 172 -13.04 1.17 19.18
C MET A 172 -13.04 0.58 17.76
N ILE A 173 -12.94 -0.74 17.69
CA ILE A 173 -13.02 -1.50 16.44
C ILE A 173 -14.30 -2.33 16.47
N ARG A 174 -15.26 -1.99 15.61
CA ARG A 174 -16.52 -2.72 15.54
C ARG A 174 -16.37 -3.93 14.60
N CYS A 175 -17.12 -4.99 14.89
CA CYS A 175 -17.27 -6.13 14.02
C CYS A 175 -18.70 -6.19 13.50
N GLN A 176 -18.83 -5.93 12.20
CA GLN A 176 -20.13 -5.81 11.58
C GLN A 176 -20.19 -6.79 10.40
N GLU A 177 -21.21 -7.66 10.43
CA GLU A 177 -21.41 -8.72 9.44
C GLU A 177 -20.05 -9.18 8.88
N LEU A 178 -19.13 -9.51 9.79
CA LEU A 178 -17.90 -10.29 9.54
C LEU A 178 -16.70 -9.42 9.12
N LYS A 179 -16.82 -8.09 9.12
CA LYS A 179 -15.70 -7.20 8.74
C LYS A 179 -15.43 -6.19 9.86
N TYR A 180 -14.23 -5.61 9.88
CA TYR A 180 -13.81 -4.73 11.00
C TYR A 180 -13.63 -3.29 10.52
N ASP A 181 -14.05 -2.34 11.35
CA ASP A 181 -13.85 -0.92 11.07
C ASP A 181 -13.64 -0.06 12.32
N VAL A 182 -13.10 1.14 12.12
CA VAL A 182 -12.85 2.09 13.20
C VAL A 182 -13.96 3.15 13.24
N GLY A 183 -15.12 2.87 12.66
CA GLY A 183 -16.28 3.77 12.79
C GLY A 183 -16.62 4.48 11.48
N GLY A 184 -15.69 4.46 10.53
CA GLY A 184 -15.96 4.98 9.20
C GLY A 184 -14.90 4.50 8.22
N GLY A 185 -15.11 4.75 6.93
CA GLY A 185 -14.11 4.42 5.92
C GLY A 185 -14.20 2.97 5.48
N GLU A 186 -13.06 2.34 5.33
CA GLU A 186 -12.93 0.99 4.82
C GLU A 186 -13.32 -0.04 5.90
N ARG A 187 -14.00 -1.09 5.46
CA ARG A 187 -14.29 -2.26 6.28
C ARG A 187 -13.35 -3.39 5.83
N PHE A 188 -12.67 -4.02 6.80
CA PHE A 188 -11.56 -4.94 6.56
C PHE A 188 -11.95 -6.40 6.84
N ASP A 189 -11.36 -7.32 6.09
CA ASP A 189 -11.66 -8.75 6.21
C ASP A 189 -11.11 -9.36 7.47
N SER A 190 -10.15 -8.67 8.10
CA SER A 190 -9.45 -9.18 9.26
C SER A 190 -8.86 -8.01 10.08
N LEU A 191 -8.56 -8.25 11.34
CA LEU A 191 -7.91 -7.26 12.20
C LEU A 191 -6.53 -6.94 11.64
N THR A 192 -5.86 -7.95 11.08
CA THR A 192 -4.54 -7.75 10.47
C THR A 192 -4.62 -6.74 9.33
N ASP A 193 -5.59 -6.91 8.43
CA ASP A 193 -5.73 -5.95 7.34
C ASP A 193 -5.98 -4.55 7.90
N LEU A 194 -6.81 -4.45 8.96
CA LEU A 194 -7.10 -3.16 9.59
C LEU A 194 -5.83 -2.52 10.15
N VAL A 195 -5.02 -3.29 10.89
CA VAL A 195 -3.84 -2.76 11.57
C VAL A 195 -2.79 -2.36 10.52
N GLU A 196 -2.61 -3.21 9.49
CA GLU A 196 -1.66 -2.95 8.41
C GLU A 196 -1.98 -1.62 7.71
N HIS A 197 -3.26 -1.40 7.45
CA HIS A 197 -3.74 -0.16 6.84
C HIS A 197 -3.43 1.04 7.73
N TYR A 198 -3.72 0.95 9.03
CA TYR A 198 -3.57 2.15 9.87
C TYR A 198 -2.10 2.28 10.31
N LYS A 199 -1.30 1.25 10.12
CA LYS A 199 0.18 1.36 10.24
C LYS A 199 0.76 2.23 9.12
N LYS A 200 0.22 2.12 7.90
CA LYS A 200 0.74 2.87 6.76
C LYS A 200 0.04 4.22 6.65
N ASN A 201 -1.20 4.29 7.12
CA ASN A 201 -2.02 5.50 7.01
C ASN A 201 -2.54 5.84 8.42
N PRO A 202 -1.68 6.44 9.26
CA PRO A 202 -2.03 6.65 10.66
C PRO A 202 -3.29 7.52 10.83
N MET A 203 -4.04 7.20 11.87
CA MET A 203 -5.21 7.97 12.24
C MET A 203 -4.73 9.29 12.85
N VAL A 204 -5.44 10.38 12.51
CA VAL A 204 -5.15 11.72 13.02
C VAL A 204 -6.33 12.17 13.88
N GLU A 205 -6.04 12.50 15.14
CA GLU A 205 -7.04 13.05 16.02
C GLU A 205 -7.49 14.40 15.47
N THR A 206 -8.64 14.86 15.94
CA THR A 206 -9.23 16.11 15.47
C THR A 206 -8.24 17.28 15.66
N LEU A 207 -7.48 17.26 16.77
CA LEU A 207 -6.55 18.35 17.09
C LEU A 207 -5.13 17.99 16.65
N GLY A 208 -4.99 16.95 15.85
CA GLY A 208 -3.76 16.72 15.09
C GLY A 208 -2.77 15.79 15.73
N THR A 209 -3.12 15.10 16.82
CA THR A 209 -2.27 14.00 17.29
C THR A 209 -2.33 12.85 16.29
N VAL A 210 -1.15 12.40 15.85
CA VAL A 210 -1.02 11.29 14.89
C VAL A 210 -0.91 9.98 15.67
N LEU A 211 -1.86 9.06 15.47
CA LEU A 211 -1.84 7.77 16.18
C LEU A 211 -1.01 6.75 15.40
N GLN A 212 0.30 6.94 15.49
CA GLN A 212 1.27 6.18 14.77
C GLN A 212 1.39 4.82 15.47
N LEU A 213 1.20 3.76 14.71
CA LEU A 213 1.38 2.41 15.23
C LEU A 213 2.79 1.96 14.89
N LYS A 214 3.76 2.27 15.76
CA LYS A 214 5.17 2.07 15.42
C LYS A 214 5.62 0.66 15.80
N GLN A 215 5.29 0.18 17.00
CA GLN A 215 5.69 -1.17 17.38
C GLN A 215 4.62 -1.78 18.29
N PRO A 216 4.39 -3.09 18.17
CA PRO A 216 3.59 -3.78 19.16
C PRO A 216 4.26 -3.61 20.53
N LEU A 217 3.44 -3.51 21.58
CA LEU A 217 3.95 -3.48 22.95
C LEU A 217 4.79 -4.74 23.19
N ASN A 218 5.97 -4.57 23.79
CA ASN A 218 6.81 -5.70 24.13
C ASN A 218 6.38 -6.28 25.48
N THR A 219 5.91 -7.52 25.51
CA THR A 219 5.49 -8.17 26.77
C THR A 219 6.39 -9.39 27.04
N THR A 220 7.38 -9.63 26.21
CA THR A 220 8.22 -10.82 26.34
C THR A 220 9.51 -10.49 27.11
N ARG A 221 9.94 -9.23 27.07
CA ARG A 221 11.10 -8.83 27.88
C ARG A 221 10.74 -9.05 29.36
N ILE A 222 11.54 -9.86 30.05
CA ILE A 222 11.31 -10.14 31.47
C ILE A 222 12.60 -9.87 32.22
N ASN A 223 12.45 -9.69 33.52
CA ASN A 223 13.58 -9.64 34.40
C ASN A 223 14.00 -11.08 34.68
N ALA A 224 15.30 -11.35 34.65
CA ALA A 224 15.78 -12.72 34.73
C ALA A 224 15.35 -13.35 36.06
N ALA A 225 15.22 -12.54 37.10
CA ALA A 225 14.90 -13.06 38.42
C ALA A 225 13.49 -13.66 38.43
N GLU A 226 12.64 -13.18 37.53
CA GLU A 226 11.22 -13.58 37.47
C GLU A 226 10.97 -14.63 36.39
N ILE A 227 12.01 -15.35 35.95
CA ILE A 227 11.87 -16.39 34.88
C ILE A 227 10.85 -17.44 35.32
N GLU A 228 10.97 -17.94 36.55
CA GLU A 228 10.12 -19.03 37.04
C GLU A 228 8.64 -18.65 36.92
N SER A 229 8.35 -17.37 37.12
CA SER A 229 7.01 -16.87 37.13
C SER A 229 6.45 -16.78 35.70
N ARG A 230 7.29 -16.40 34.77
CA ARG A 230 6.95 -16.41 33.34
C ARG A 230 6.77 -17.86 32.85
N VAL A 231 7.59 -18.78 33.32
CA VAL A 231 7.54 -20.20 32.85
C VAL A 231 6.22 -20.82 33.31
N ARG A 232 5.88 -20.58 34.58
CA ARG A 232 4.56 -20.93 35.16
C ARG A 232 3.43 -20.39 34.28
N GLU A 233 3.45 -19.09 33.99
CA GLU A 233 2.40 -18.48 33.18
C GLU A 233 2.34 -19.14 31.81
N LEU A 234 3.49 -19.33 31.15
CA LEU A 234 3.53 -19.89 29.79
C LEU A 234 3.14 -21.37 29.79
N SER A 235 3.28 -22.06 30.91
CA SER A 235 2.97 -23.50 31.01
C SER A 235 1.46 -23.78 31.07
N LYS A 236 0.57 -22.78 30.99
CA LYS A 236 -0.89 -22.99 31.08
C LYS A 236 -1.51 -23.20 29.69
N GLN A 246 1.05 -24.15 27.30
CA GLN A 246 0.29 -23.93 26.07
C GLN A 246 0.41 -22.46 25.65
N GLY A 247 0.54 -21.53 26.60
CA GLY A 247 1.10 -20.20 26.31
C GLY A 247 2.43 -20.28 25.55
N PHE A 248 3.26 -21.30 25.85
CA PHE A 248 4.49 -21.51 25.09
C PHE A 248 4.23 -21.70 23.60
N TRP A 249 3.17 -22.44 23.24
CA TRP A 249 2.78 -22.63 21.84
C TRP A 249 2.44 -21.27 21.22
N GLU A 250 1.61 -20.53 21.92
CA GLU A 250 1.16 -19.21 21.50
C GLU A 250 2.35 -18.29 21.21
N GLU A 251 3.28 -18.18 22.17
CA GLU A 251 4.39 -17.24 22.07
C GLU A 251 5.32 -17.67 20.94
N PHE A 252 5.57 -18.97 20.81
CA PHE A 252 6.40 -19.50 19.75
C PHE A 252 5.77 -19.24 18.38
N GLU A 253 4.47 -19.50 18.23
CA GLU A 253 3.87 -19.34 16.90
C GLU A 253 3.88 -17.86 16.49
N THR A 254 3.82 -16.99 17.48
CA THR A 254 3.93 -15.55 17.21
C THR A 254 5.30 -15.21 16.63
N LEU A 255 6.36 -15.84 17.18
CA LEU A 255 7.72 -15.70 16.64
C LEU A 255 7.77 -16.26 15.21
N GLN A 256 7.17 -17.42 15.03
CA GLN A 256 7.19 -18.06 13.72
C GLN A 256 6.52 -17.16 12.66
N GLN A 257 5.46 -16.43 13.04
CA GLN A 257 4.76 -15.57 12.09
C GLN A 257 5.71 -14.49 11.54
N GLN A 258 6.76 -14.12 12.27
CA GLN A 258 7.68 -13.08 11.82
C GLN A 258 8.81 -13.65 10.95
N GLU A 259 8.80 -14.94 10.61
CA GLU A 259 9.96 -15.49 9.82
C GLU A 259 9.92 -14.97 8.37
N CYS A 260 8.77 -14.49 7.90
N CYS A 260 8.77 -14.49 7.90
CA CYS A 260 8.62 -13.99 6.55
CA CYS A 260 8.63 -13.98 6.53
C CYS A 260 9.37 -12.65 6.37
C CYS A 260 9.38 -12.65 6.36
N LYS A 261 9.78 -12.02 7.47
CA LYS A 261 10.63 -10.82 7.45
C LYS A 261 12.12 -11.18 7.21
N LEU A 262 12.47 -12.47 7.20
CA LEU A 262 13.86 -12.92 7.22
C LEU A 262 14.19 -13.71 5.95
N LEU A 263 13.54 -13.39 4.83
CA LEU A 263 13.81 -14.14 3.60
C LEU A 263 14.97 -13.45 2.84
N TYR A 264 16.13 -13.41 3.48
CA TYR A 264 17.31 -12.75 2.94
C TYR A 264 17.95 -13.64 1.88
N SER A 265 18.73 -13.01 1.01
CA SER A 265 19.23 -13.71 -0.15
C SER A 265 20.26 -14.75 0.30
N ARG A 266 20.28 -15.87 -0.44
CA ARG A 266 21.24 -16.96 -0.24
C ARG A 266 21.81 -17.38 -1.59
N LYS A 267 22.23 -16.41 -2.41
CA LYS A 267 22.60 -16.68 -3.79
C LYS A 267 23.89 -17.49 -3.91
N GLU A 268 24.86 -17.28 -3.02
CA GLU A 268 26.14 -17.95 -3.18
C GLU A 268 25.93 -19.46 -2.99
N GLY A 269 25.19 -19.86 -1.97
CA GLY A 269 24.89 -21.28 -1.75
C GLY A 269 24.11 -21.92 -2.89
N GLN A 270 23.43 -21.12 -3.75
CA GLN A 270 22.65 -21.63 -4.90
C GLN A 270 23.54 -21.81 -6.15
N ARG A 271 24.80 -21.39 -6.11
CA ARG A 271 25.69 -21.54 -7.28
C ARG A 271 25.96 -23.03 -7.57
N GLN A 272 25.89 -23.39 -8.84
CA GLN A 272 26.19 -24.77 -9.28
C GLN A 272 27.45 -25.27 -8.60
N GLU A 273 28.50 -24.44 -8.60
CA GLU A 273 29.83 -24.80 -8.01
C GLU A 273 29.75 -25.12 -6.51
N ASN A 274 28.68 -24.68 -5.83
CA ASN A 274 28.53 -24.82 -4.38
C ASN A 274 27.43 -25.84 -4.04
N LYS A 275 26.65 -26.31 -5.01
CA LYS A 275 25.51 -27.22 -4.74
C LYS A 275 25.93 -28.39 -3.83
N ASN A 276 27.03 -29.06 -4.17
CA ASN A 276 27.46 -30.28 -3.44
C ASN A 276 28.21 -29.98 -2.14
N LYS A 277 28.27 -28.71 -1.73
CA LYS A 277 28.87 -28.34 -0.48
C LYS A 277 27.79 -28.15 0.60
N ASN A 278 26.53 -28.37 0.23
CA ASN A 278 25.41 -28.24 1.12
C ASN A 278 24.87 -29.65 1.45
N ARG A 279 24.69 -29.94 2.72
CA ARG A 279 24.13 -31.20 3.19
C ARG A 279 22.70 -31.35 2.70
N TYR A 280 21.93 -30.27 2.81
CA TYR A 280 20.56 -30.21 2.36
C TYR A 280 20.49 -29.08 1.32
N LYS A 281 19.99 -29.35 0.12
CA LYS A 281 20.21 -28.42 -0.99
C LYS A 281 19.53 -27.06 -0.77
N ASN A 282 18.48 -26.98 0.04
CA ASN A 282 17.71 -25.75 0.21
C ASN A 282 17.93 -25.17 1.61
N ILE A 283 18.80 -25.76 2.42
CA ILE A 283 19.15 -25.15 3.69
C ILE A 283 20.51 -24.46 3.48
N LEU A 284 20.47 -23.13 3.37
CA LEU A 284 21.61 -22.37 2.84
C LEU A 284 21.96 -21.17 3.73
N PRO A 285 23.23 -20.77 3.73
CA PRO A 285 23.62 -19.60 4.53
C PRO A 285 23.19 -18.28 3.84
N PHE A 286 22.67 -17.34 4.62
CA PHE A 286 22.43 -16.00 4.08
C PHE A 286 23.74 -15.40 3.54
N ASP A 287 23.64 -14.70 2.41
CA ASP A 287 24.80 -14.05 1.79
C ASP A 287 25.47 -13.06 2.75
N HIS A 288 24.67 -12.30 3.50
CA HIS A 288 25.16 -11.14 4.22
C HIS A 288 25.93 -11.56 5.48
N THR A 289 25.79 -12.79 5.94
CA THR A 289 26.49 -13.25 7.15
C THR A 289 27.34 -14.50 6.89
N ARG A 290 27.44 -14.99 5.66
CA ARG A 290 28.16 -16.24 5.41
C ARG A 290 29.66 -16.09 5.66
N VAL A 291 30.27 -17.19 6.08
CA VAL A 291 31.72 -17.18 6.26
C VAL A 291 32.37 -17.28 4.87
N VAL A 292 33.09 -16.24 4.46
CA VAL A 292 33.83 -16.23 3.17
C VAL A 292 35.25 -16.75 3.38
N LEU A 293 35.64 -17.81 2.67
CA LEU A 293 36.95 -18.39 2.85
C LEU A 293 37.91 -17.73 1.87
N HIS A 294 39.09 -17.35 2.35
CA HIS A 294 40.12 -16.71 1.46
C HIS A 294 41.32 -17.65 1.29
N ASP A 295 42.22 -17.23 0.43
CA ASP A 295 43.47 -17.95 0.21
C ASP A 295 43.21 -19.41 -0.24
N GLY A 296 42.21 -19.56 -1.09
CA GLY A 296 41.87 -20.89 -1.64
C GLY A 296 42.83 -21.29 -2.75
N ASP A 297 42.71 -22.55 -3.17
CA ASP A 297 43.45 -23.10 -4.30
C ASP A 297 43.14 -22.26 -5.54
N PRO A 298 44.17 -21.63 -6.17
CA PRO A 298 43.95 -20.77 -7.34
C PRO A 298 43.62 -21.54 -8.63
N ASN A 299 43.52 -22.87 -8.55
CA ASN A 299 42.99 -23.70 -9.64
C ASN A 299 41.51 -24.03 -9.39
N GLU A 300 40.98 -23.64 -8.23
CA GLU A 300 39.59 -23.95 -7.85
C GLU A 300 38.70 -22.73 -8.14
N PRO A 301 37.88 -22.80 -9.21
CA PRO A 301 37.05 -21.65 -9.62
C PRO A 301 36.32 -20.99 -8.44
N VAL A 302 35.68 -21.82 -7.60
CA VAL A 302 35.00 -21.33 -6.41
C VAL A 302 35.51 -22.08 -5.17
N SER A 303 36.33 -21.39 -4.39
CA SER A 303 36.96 -21.94 -3.19
C SER A 303 36.63 -21.09 -1.97
N ASP A 304 35.63 -20.22 -2.08
CA ASP A 304 35.29 -19.28 -1.01
C ASP A 304 34.06 -19.68 -0.20
N TYR A 305 33.51 -20.86 -0.45
CA TYR A 305 32.16 -21.14 0.07
C TYR A 305 32.23 -22.26 1.09
N ILE A 306 31.51 -22.05 2.18
CA ILE A 306 31.16 -23.07 3.15
C ILE A 306 29.76 -22.73 3.69
N ASN A 307 28.98 -23.75 3.99
CA ASN A 307 27.63 -23.56 4.51
C ASN A 307 27.79 -23.27 6.01
N ALA A 308 27.98 -21.98 6.31
CA ALA A 308 28.29 -21.51 7.65
C ALA A 308 27.97 -20.01 7.71
N ASN A 309 27.51 -19.56 8.85
CA ASN A 309 27.27 -18.11 9.06
C ASN A 309 27.86 -17.63 10.41
N ILE A 310 28.38 -16.39 10.41
CA ILE A 310 28.75 -15.67 11.62
C ILE A 310 27.48 -15.27 12.37
N ILE A 311 27.44 -15.59 13.64
CA ILE A 311 26.38 -15.17 14.55
C ILE A 311 27.03 -14.23 15.57
N MET A 312 26.64 -12.98 15.47
CA MET A 312 27.13 -11.89 16.31
C MET A 312 25.95 -11.44 17.17
N PRO A 313 26.04 -11.60 18.49
CA PRO A 313 24.95 -11.16 19.35
C PRO A 313 24.85 -9.63 19.31
N GLU A 314 23.65 -9.07 19.33
CA GLU A 314 23.47 -7.60 19.45
C GLU A 314 22.83 -7.26 20.80
N LYS A 325 30.95 -10.20 24.12
CA LYS A 325 32.28 -10.23 23.50
C LYS A 325 32.34 -11.40 22.50
N LYS A 326 31.58 -12.44 22.80
CA LYS A 326 31.76 -13.77 22.16
C LYS A 326 30.90 -13.84 20.90
N SER A 327 31.46 -14.31 19.77
CA SER A 327 30.64 -14.57 18.58
C SER A 327 30.67 -16.07 18.26
N TYR A 328 29.81 -16.53 17.33
CA TYR A 328 29.72 -17.93 16.95
C TYR A 328 29.81 -18.06 15.42
N ILE A 329 30.19 -19.24 15.01
CA ILE A 329 29.91 -19.68 13.68
C ILE A 329 28.95 -20.87 13.76
N ALA A 330 27.82 -20.71 13.10
CA ALA A 330 26.83 -21.74 13.02
C ALA A 330 27.02 -22.48 11.71
N THR A 331 27.27 -23.78 11.75
CA THR A 331 27.53 -24.49 10.51
C THR A 331 26.89 -25.88 10.56
N GLN A 332 26.88 -26.49 9.39
CA GLN A 332 26.36 -27.86 9.14
C GLN A 332 27.42 -28.90 9.58
N GLY A 333 26.99 -30.13 9.78
CA GLY A 333 27.94 -31.25 9.84
C GLY A 333 28.67 -31.40 8.51
N CYS A 334 29.98 -31.59 8.56
CA CYS A 334 30.79 -31.73 7.33
C CYS A 334 30.34 -32.90 6.47
N LEU A 335 30.47 -32.69 5.18
CA LEU A 335 30.46 -33.73 4.17
C LEU A 335 31.90 -34.17 3.92
N GLN A 336 32.08 -35.35 3.35
CA GLN A 336 33.42 -35.85 3.04
C GLN A 336 34.13 -34.78 2.17
N ASN A 337 33.41 -34.12 1.26
CA ASN A 337 34.02 -33.15 0.34
C ASN A 337 34.06 -31.75 0.98
N THR A 338 33.67 -31.56 2.24
CA THR A 338 33.80 -30.19 2.84
C THR A 338 34.68 -30.19 4.10
N VAL A 339 35.27 -31.32 4.48
CA VAL A 339 36.12 -31.39 5.65
C VAL A 339 37.34 -30.43 5.47
N ASN A 340 37.93 -30.37 4.29
CA ASN A 340 39.11 -29.48 4.13
C ASN A 340 38.66 -28.01 4.30
N ASP A 341 37.51 -27.66 3.74
CA ASP A 341 36.94 -26.31 3.87
C ASP A 341 36.60 -25.98 5.32
N PHE A 342 36.00 -26.94 6.03
CA PHE A 342 35.80 -26.78 7.45
C PHE A 342 37.08 -26.38 8.19
N TRP A 343 38.19 -27.08 7.96
CA TRP A 343 39.42 -26.74 8.66
C TRP A 343 39.98 -25.40 8.15
N ARG A 344 39.85 -25.07 6.88
CA ARG A 344 40.33 -23.77 6.41
C ARG A 344 39.58 -22.66 7.19
N MET A 345 38.29 -22.87 7.45
CA MET A 345 37.42 -21.92 8.16
C MET A 345 37.88 -21.75 9.62
N VAL A 346 38.07 -22.85 10.31
CA VAL A 346 38.52 -22.83 11.72
C VAL A 346 39.85 -22.06 11.83
N PHE A 347 40.80 -22.35 10.94
CA PHE A 347 42.11 -21.70 10.95
C PHE A 347 41.96 -20.19 10.66
N GLN A 348 41.30 -19.87 9.56
CA GLN A 348 41.13 -18.50 9.13
C GLN A 348 40.44 -17.63 10.19
N GLU A 349 39.46 -18.17 10.87
CA GLU A 349 38.69 -17.38 11.83
C GLU A 349 39.33 -17.36 13.22
N ASN A 350 40.44 -18.09 13.39
CA ASN A 350 41.12 -18.22 14.65
C ASN A 350 40.24 -18.88 15.73
N SER A 351 39.28 -19.74 15.36
CA SER A 351 38.44 -20.40 16.34
C SER A 351 39.30 -21.38 17.16
N ARG A 352 39.03 -21.46 18.46
CA ARG A 352 39.77 -22.34 19.32
C ARG A 352 38.86 -23.33 20.04
N VAL A 353 37.55 -23.22 19.80
CA VAL A 353 36.56 -24.14 20.38
C VAL A 353 35.49 -24.50 19.34
N ILE A 354 35.23 -25.81 19.29
CA ILE A 354 34.21 -26.40 18.45
C ILE A 354 33.21 -27.11 19.36
N VAL A 355 31.95 -26.82 19.11
CA VAL A 355 30.85 -27.48 19.74
C VAL A 355 30.13 -28.36 18.70
N MET A 356 30.11 -29.66 18.93
CA MET A 356 29.37 -30.61 18.07
C MET A 356 28.15 -31.15 18.82
N THR A 357 26.95 -31.08 18.25
CA THR A 357 25.77 -31.41 19.05
C THR A 357 24.96 -32.55 18.43
N THR A 358 25.62 -33.40 17.66
CA THR A 358 25.05 -34.64 17.17
CA THR A 358 25.04 -34.66 17.19
C THR A 358 26.11 -35.74 17.28
N LYS A 359 25.66 -36.97 17.37
CA LYS A 359 26.53 -38.10 17.06
C LYS A 359 26.81 -38.11 15.56
N GLU A 360 27.84 -38.83 15.19
CA GLU A 360 28.19 -38.92 13.76
C GLU A 360 27.04 -39.58 13.01
N VAL A 361 26.39 -40.57 13.67
CA VAL A 361 25.30 -41.29 13.09
C VAL A 361 24.14 -41.35 14.09
N GLU A 362 22.95 -41.04 13.60
CA GLU A 362 21.73 -41.17 14.39
C GLU A 362 20.65 -41.78 13.50
N ARG A 363 19.88 -42.70 14.07
CA ARG A 363 18.84 -43.49 13.39
C ARG A 363 19.42 -44.12 12.12
N GLY A 364 20.67 -44.55 12.18
CA GLY A 364 21.33 -45.20 11.06
C GLY A 364 21.71 -44.24 9.94
N LYS A 365 21.53 -42.92 10.11
CA LYS A 365 21.82 -41.98 9.05
C LYS A 365 23.01 -41.10 9.46
N SER A 366 23.85 -40.74 8.50
CA SER A 366 25.03 -39.88 8.79
C SER A 366 24.58 -38.45 9.05
N LYS A 367 24.99 -37.90 10.18
CA LYS A 367 24.66 -36.54 10.52
C LYS A 367 25.91 -35.64 10.38
N CYS A 368 27.10 -36.21 10.49
CA CYS A 368 28.37 -35.41 10.38
C CYS A 368 29.52 -36.38 10.17
N VAL A 369 30.29 -36.25 9.10
CA VAL A 369 31.41 -37.15 8.93
C VAL A 369 32.42 -36.85 10.05
N LYS A 370 33.24 -37.84 10.34
CA LYS A 370 34.36 -37.70 11.25
C LYS A 370 35.41 -36.81 10.57
N TYR A 371 35.57 -35.61 11.06
CA TYR A 371 36.53 -34.65 10.45
C TYR A 371 37.78 -34.50 11.33
N TRP A 372 37.95 -35.35 12.33
CA TRP A 372 39.08 -35.22 13.25
C TRP A 372 39.81 -36.57 13.24
N PRO A 373 41.09 -36.57 13.58
CA PRO A 373 41.84 -37.85 13.62
C PRO A 373 41.50 -38.66 14.88
N ASP A 374 41.74 -39.97 14.82
CA ASP A 374 41.67 -40.84 16.03
C ASP A 374 42.60 -40.34 17.10
N GLU A 375 42.36 -40.71 18.36
CA GLU A 375 43.27 -40.28 19.43
C GLU A 375 44.72 -40.64 19.13
N TYR A 376 45.61 -39.67 19.39
CA TYR A 376 47.06 -39.74 19.20
C TYR A 376 47.47 -39.68 17.72
N ALA A 377 46.56 -39.66 16.78
CA ALA A 377 46.92 -39.68 15.35
C ALA A 377 47.00 -38.25 14.79
N LEU A 378 47.69 -38.20 13.65
CA LEU A 378 47.89 -36.98 12.88
C LEU A 378 47.38 -37.21 11.45
N LYS A 379 46.62 -36.27 10.92
CA LYS A 379 46.09 -36.32 9.57
C LYS A 379 46.25 -34.94 8.93
N GLU A 380 46.51 -34.94 7.63
CA GLU A 380 46.42 -33.76 6.80
C GLU A 380 45.06 -33.69 6.10
N TYR A 381 44.47 -32.51 6.18
CA TYR A 381 43.24 -32.19 5.51
C TYR A 381 43.52 -31.05 4.53
N GLY A 382 43.81 -31.41 3.29
CA GLY A 382 44.40 -30.47 2.31
C GLY A 382 45.61 -29.75 2.91
N VAL A 383 45.56 -28.42 3.01
CA VAL A 383 46.73 -27.63 3.44
C VAL A 383 46.80 -27.56 4.97
N MET A 384 45.83 -28.14 5.70
CA MET A 384 45.79 -28.11 7.16
C MET A 384 46.21 -29.46 7.74
N ARG A 385 46.85 -29.42 8.88
CA ARG A 385 47.32 -30.60 9.60
C ARG A 385 46.62 -30.60 10.97
N VAL A 386 46.08 -31.73 11.38
CA VAL A 386 45.43 -31.80 12.69
C VAL A 386 45.98 -33.00 13.46
N ARG A 387 46.42 -32.76 14.68
CA ARG A 387 46.82 -33.81 15.61
C ARG A 387 45.75 -33.96 16.71
N ASN A 388 45.29 -35.18 17.00
CA ASN A 388 44.38 -35.42 18.18
C ASN A 388 45.30 -35.80 19.36
N VAL A 389 45.53 -34.84 20.25
CA VAL A 389 46.45 -34.95 21.33
C VAL A 389 45.93 -35.89 22.41
N LYS A 390 44.66 -35.74 22.75
CA LYS A 390 44.08 -36.39 23.93
C LYS A 390 42.56 -36.26 23.89
N GLU A 391 41.88 -37.37 24.19
CA GLU A 391 40.43 -37.38 24.32
C GLU A 391 40.09 -37.64 25.80
N SER A 392 39.10 -36.90 26.30
CA SER A 392 38.64 -37.04 27.68
C SER A 392 37.14 -37.27 27.64
N ALA A 393 36.68 -38.34 28.27
CA ALA A 393 35.28 -38.71 28.24
C ALA A 393 34.59 -38.18 29.50
N ALA A 394 33.54 -37.40 29.35
CA ALA A 394 32.66 -37.02 30.47
C ALA A 394 31.33 -37.72 30.25
N HIS A 395 30.39 -37.56 31.18
CA HIS A 395 29.10 -38.24 31.12
C HIS A 395 28.30 -37.91 29.85
N ASP A 396 28.07 -36.64 29.59
CA ASP A 396 27.29 -36.22 28.42
C ASP A 396 28.09 -35.85 27.17
N TYR A 397 29.41 -35.79 27.30
CA TYR A 397 30.24 -35.34 26.19
C TYR A 397 31.65 -35.93 26.24
N THR A 398 32.31 -35.86 25.08
CA THR A 398 33.74 -36.14 24.92
C THR A 398 34.45 -34.86 24.52
N LEU A 399 35.59 -34.61 25.14
CA LEU A 399 36.44 -33.51 24.80
C LEU A 399 37.64 -34.02 24.02
N ARG A 400 37.91 -33.46 22.84
CA ARG A 400 39.10 -33.75 22.08
C ARG A 400 39.99 -32.51 21.97
N GLU A 401 41.20 -32.69 22.46
CA GLU A 401 42.20 -31.67 22.38
C GLU A 401 42.92 -31.82 21.03
N LEU A 402 42.67 -30.91 20.10
CA LEU A 402 43.29 -31.04 18.79
C LEU A 402 44.35 -29.93 18.61
N LYS A 403 45.36 -30.24 17.83
CA LYS A 403 46.32 -29.23 17.41
C LYS A 403 46.20 -29.04 15.89
N LEU A 404 45.93 -27.82 15.49
CA LEU A 404 45.73 -27.43 14.09
C LEU A 404 46.86 -26.50 13.61
N SER A 405 47.39 -26.81 12.45
CA SER A 405 48.46 -26.05 11.86
C SER A 405 48.32 -26.11 10.35
N LYS A 406 49.00 -25.18 9.68
CA LYS A 406 49.08 -25.15 8.27
C LYS A 406 50.35 -25.89 7.81
N VAL A 407 50.18 -26.77 6.83
CA VAL A 407 51.29 -27.59 6.34
C VAL A 407 52.35 -26.65 5.79
N GLY A 408 53.61 -26.92 6.13
CA GLY A 408 54.73 -26.15 5.68
C GLY A 408 55.02 -24.91 6.51
N GLN A 409 54.28 -24.68 7.60
CA GLN A 409 54.45 -23.48 8.44
C GLN A 409 54.30 -23.84 9.93
N GLY A 410 55.41 -24.24 10.57
CA GLY A 410 55.38 -24.76 11.97
C GLY A 410 54.70 -23.82 12.96
N ASN A 411 55.03 -22.54 12.82
CA ASN A 411 54.66 -21.50 13.78
C ASN A 411 53.19 -21.11 13.73
N THR A 412 52.34 -21.86 13.04
CA THR A 412 50.96 -21.55 12.94
C THR A 412 50.13 -22.45 13.86
N GLU A 413 50.78 -23.35 14.62
CA GLU A 413 50.03 -24.31 15.43
C GLU A 413 49.20 -23.58 16.50
N ARG A 414 47.93 -23.97 16.67
CA ARG A 414 47.09 -23.54 17.81
C ARG A 414 46.25 -24.74 18.26
N THR A 415 45.91 -24.79 19.54
CA THR A 415 45.07 -25.83 20.07
C THR A 415 43.61 -25.49 19.80
N VAL A 416 42.85 -26.49 19.35
CA VAL A 416 41.42 -26.33 19.14
C VAL A 416 40.73 -27.43 19.95
N TRP A 417 39.85 -27.01 20.85
CA TRP A 417 39.17 -27.86 21.78
C TRP A 417 37.80 -28.22 21.24
N GLN A 418 37.62 -29.50 21.01
CA GLN A 418 36.38 -29.96 20.42
C GLN A 418 35.54 -30.63 21.52
N TYR A 419 34.41 -30.00 21.75
CA TYR A 419 33.44 -30.46 22.72
C TYR A 419 32.31 -31.18 22.01
N HIS A 420 32.27 -32.49 22.17
CA HIS A 420 31.33 -33.30 21.40
C HIS A 420 30.22 -33.81 22.31
N PHE A 421 29.05 -33.17 22.22
CA PHE A 421 27.92 -33.52 23.05
C PHE A 421 27.29 -34.79 22.46
N ARG A 422 27.14 -35.84 23.27
CA ARG A 422 26.83 -37.18 22.73
C ARG A 422 25.47 -37.70 23.17
N THR A 423 24.79 -37.05 24.12
CA THR A 423 23.62 -37.68 24.68
C THR A 423 22.32 -37.00 24.26
N TRP A 424 22.35 -36.07 23.31
CA TRP A 424 21.12 -35.42 22.89
C TRP A 424 20.20 -36.50 22.28
N PRO A 425 18.93 -36.48 22.62
CA PRO A 425 18.02 -37.57 22.13
C PRO A 425 17.87 -37.48 20.59
N ASP A 426 17.63 -38.62 19.94
CA ASP A 426 17.48 -38.64 18.45
C ASP A 426 16.43 -37.66 17.97
N HIS A 427 15.29 -37.61 18.66
CA HIS A 427 14.19 -36.68 18.36
C HIS A 427 13.86 -35.82 19.59
N GLY A 428 13.45 -34.57 19.35
CA GLY A 428 13.01 -33.71 20.47
C GLY A 428 14.19 -33.21 21.28
N VAL A 429 14.02 -33.03 22.59
CA VAL A 429 15.08 -32.34 23.41
C VAL A 429 15.27 -33.10 24.73
N PRO A 430 16.40 -32.87 25.41
CA PRO A 430 16.61 -33.48 26.73
C PRO A 430 15.49 -33.18 27.73
N SER A 431 15.14 -34.11 28.60
CA SER A 431 14.06 -33.82 29.52
C SER A 431 14.58 -32.98 30.69
N ASP A 432 15.89 -32.89 30.85
CA ASP A 432 16.47 -31.99 31.85
C ASP A 432 17.64 -31.21 31.25
N PRO A 433 17.71 -29.88 31.47
CA PRO A 433 18.75 -28.98 30.91
C PRO A 433 20.12 -29.02 31.63
N GLY A 434 20.22 -29.75 32.72
CA GLY A 434 21.43 -29.72 33.55
C GLY A 434 22.66 -30.17 32.79
N GLY A 435 22.56 -31.23 32.00
CA GLY A 435 23.74 -31.70 31.20
C GLY A 435 24.22 -30.69 30.17
N VAL A 436 23.28 -30.10 29.46
CA VAL A 436 23.55 -29.06 28.49
C VAL A 436 24.18 -27.85 29.21
N LEU A 437 23.67 -27.47 30.37
CA LEU A 437 24.20 -26.28 31.05
C LEU A 437 25.61 -26.54 31.57
N ASP A 438 25.89 -27.71 32.15
CA ASP A 438 27.26 -28.07 32.58
C ASP A 438 28.26 -28.01 31.43
N PHE A 439 27.80 -28.53 30.30
CA PHE A 439 28.58 -28.57 29.06
C PHE A 439 28.91 -27.15 28.57
N LEU A 440 27.89 -26.32 28.45
CA LEU A 440 28.08 -24.92 27.99
C LEU A 440 28.94 -24.14 28.99
N GLU A 441 28.80 -24.41 30.29
CA GLU A 441 29.63 -23.70 31.28
C GLU A 441 31.11 -24.00 30.99
N GLU A 442 31.42 -25.24 30.65
CA GLU A 442 32.76 -25.66 30.41
C GLU A 442 33.31 -25.04 29.11
N VAL A 443 32.50 -25.07 28.05
CA VAL A 443 32.81 -24.48 26.78
C VAL A 443 33.12 -22.99 26.97
N HIS A 444 32.29 -22.33 27.75
CA HIS A 444 32.44 -20.92 27.98
C HIS A 444 33.77 -20.63 28.66
N HIS A 445 34.12 -21.41 29.69
CA HIS A 445 35.34 -21.15 30.42
C HIS A 445 36.58 -21.43 29.54
N LYS A 446 36.51 -22.45 28.72
CA LYS A 446 37.63 -22.73 27.85
C LYS A 446 37.87 -21.52 26.93
N GLN A 447 36.78 -21.06 26.30
CA GLN A 447 36.85 -19.95 25.37
C GLN A 447 37.42 -18.73 26.09
N GLU A 448 36.93 -18.43 27.31
CA GLU A 448 37.37 -17.24 28.04
C GLU A 448 38.84 -17.33 28.46
N SER A 449 39.39 -18.53 28.58
CA SER A 449 40.77 -18.72 29.02
C SER A 449 41.78 -18.46 27.89
N ILE A 450 41.33 -18.30 26.65
CA ILE A 450 42.25 -18.26 25.52
C ILE A 450 42.28 -16.84 24.93
N MET A 451 43.40 -16.15 25.09
CA MET A 451 43.49 -14.76 24.66
C MET A 451 43.26 -14.70 23.15
N ASP A 452 42.42 -13.78 22.74
CA ASP A 452 42.10 -13.50 21.36
C ASP A 452 41.46 -14.65 20.56
N ALA A 453 40.94 -15.67 21.24
CA ALA A 453 40.19 -16.74 20.52
C ALA A 453 39.15 -16.12 19.57
N GLY A 454 39.00 -16.70 18.38
CA GLY A 454 37.94 -16.29 17.44
C GLY A 454 36.59 -16.88 17.81
N PRO A 455 35.63 -16.80 16.90
CA PRO A 455 34.29 -17.32 17.23
C PRO A 455 34.27 -18.81 17.56
N VAL A 456 33.31 -19.19 18.40
CA VAL A 456 33.07 -20.56 18.77
C VAL A 456 32.25 -21.18 17.63
N VAL A 457 32.78 -22.29 17.09
CA VAL A 457 32.12 -23.00 16.04
C VAL A 457 31.10 -23.95 16.68
N VAL A 458 29.90 -23.93 16.14
CA VAL A 458 28.82 -24.77 16.66
C VAL A 458 28.17 -25.44 15.46
N HIS A 459 28.08 -26.76 15.50
CA HIS A 459 27.43 -27.46 14.43
C HIS A 459 26.71 -28.70 14.95
N CYS A 460 25.66 -29.05 14.19
CA CYS A 460 24.94 -30.29 14.39
C CYS A 460 24.94 -31.01 13.02
N SER A 461 23.76 -31.32 12.50
CA SER A 461 23.49 -31.88 11.16
C SER A 461 23.31 -30.75 10.14
N ALA A 462 22.16 -30.09 10.16
CA ALA A 462 21.88 -28.98 9.20
C ALA A 462 22.39 -27.65 9.74
N GLY A 463 22.71 -27.62 11.04
CA GLY A 463 23.30 -26.44 11.72
C GLY A 463 22.32 -25.31 12.01
N ILE A 464 21.04 -25.63 12.26
CA ILE A 464 20.01 -24.64 12.55
C ILE A 464 19.20 -25.01 13.81
N GLY A 465 18.89 -26.29 14.09
CA GLY A 465 18.00 -26.62 15.21
C GLY A 465 18.72 -26.75 16.56
N ARG A 466 19.48 -27.83 16.78
CA ARG A 466 20.26 -27.96 17.99
C ARG A 466 21.29 -26.82 18.06
N THR A 467 21.92 -26.52 16.91
CA THR A 467 22.93 -25.46 16.84
C THR A 467 22.35 -24.12 17.30
N GLY A 468 21.21 -23.74 16.73
CA GLY A 468 20.56 -22.49 17.17
C GLY A 468 20.13 -22.54 18.63
N THR A 469 19.67 -23.68 19.13
CA THR A 469 19.26 -23.86 20.53
C THR A 469 20.44 -23.66 21.47
N PHE A 470 21.56 -24.34 21.21
CA PHE A 470 22.81 -24.17 21.96
C PHE A 470 23.30 -22.71 21.93
N ILE A 471 23.33 -22.05 20.76
CA ILE A 471 23.83 -20.68 20.68
C ILE A 471 22.89 -19.73 21.46
N VAL A 472 21.57 -19.89 21.33
CA VAL A 472 20.64 -18.98 22.00
C VAL A 472 20.77 -19.13 23.53
N ILE A 473 20.87 -20.38 24.02
CA ILE A 473 21.03 -20.58 25.45
C ILE A 473 22.33 -19.88 25.90
N ASP A 474 23.38 -20.05 25.11
CA ASP A 474 24.65 -19.49 25.50
C ASP A 474 24.63 -17.97 25.57
N ILE A 475 23.92 -17.35 24.63
CA ILE A 475 23.80 -15.89 24.60
C ILE A 475 23.08 -15.41 25.85
N LEU A 476 21.92 -16.03 26.13
CA LEU A 476 21.08 -15.63 27.26
C LEU A 476 21.84 -15.81 28.58
N ILE A 477 22.51 -16.95 28.73
CA ILE A 477 23.19 -17.26 29.97
CA ILE A 477 23.21 -17.27 29.95
C ILE A 477 24.38 -16.30 30.14
N ASP A 478 24.99 -15.88 29.04
CA ASP A 478 26.09 -14.91 29.13
C ASP A 478 25.66 -13.60 29.74
N ILE A 479 24.54 -13.08 29.28
CA ILE A 479 23.96 -11.84 29.82
C ILE A 479 23.91 -11.95 31.35
N ILE A 480 23.29 -13.02 31.82
CA ILE A 480 23.04 -13.22 33.25
C ILE A 480 24.38 -13.33 33.99
N ARG A 481 25.29 -14.04 33.37
CA ARG A 481 26.65 -14.33 33.87
C ARG A 481 27.38 -13.00 34.14
N GLU A 482 27.28 -12.04 33.23
CA GLU A 482 27.89 -10.73 33.40
C GLU A 482 27.09 -9.91 34.44
N LYS A 483 25.78 -9.76 34.22
CA LYS A 483 24.97 -8.71 34.89
C LYS A 483 24.34 -9.24 36.18
N GLY A 484 23.98 -10.51 36.21
CA GLY A 484 23.37 -11.14 37.35
C GLY A 484 21.92 -11.48 37.08
N VAL A 485 21.27 -12.03 38.10
CA VAL A 485 19.85 -12.34 38.07
C VAL A 485 19.02 -11.08 37.79
N ASP A 486 19.47 -9.92 38.26
CA ASP A 486 18.75 -8.64 38.11
C ASP A 486 19.04 -7.94 36.76
N CYS A 487 18.64 -8.55 35.65
CA CYS A 487 18.83 -7.96 34.30
C CYS A 487 17.67 -8.37 33.38
N ASP A 488 17.55 -7.74 32.22
CA ASP A 488 16.49 -8.05 31.27
C ASP A 488 16.91 -9.03 30.21
N ILE A 489 16.13 -10.09 30.02
CA ILE A 489 16.29 -10.95 28.87
C ILE A 489 14.97 -10.99 28.08
N ASP A 490 15.09 -11.31 26.80
CA ASP A 490 13.93 -11.39 25.93
C ASP A 490 14.18 -12.54 24.94
N VAL A 491 13.61 -13.71 25.25
CA VAL A 491 13.92 -14.97 24.55
C VAL A 491 13.53 -14.86 23.06
N PRO A 492 12.28 -14.51 22.73
CA PRO A 492 11.96 -14.48 21.30
C PRO A 492 12.69 -13.35 20.56
N LYS A 493 12.93 -12.20 21.20
CA LYS A 493 13.71 -11.15 20.51
C LYS A 493 15.14 -11.64 20.21
N THR A 494 15.73 -12.37 21.13
CA THR A 494 17.09 -12.91 20.94
C THR A 494 17.07 -13.89 19.77
N ILE A 495 16.07 -14.75 19.72
CA ILE A 495 15.96 -15.77 18.65
C ILE A 495 15.76 -15.04 17.32
N GLN A 496 14.87 -14.06 17.24
CA GLN A 496 14.68 -13.32 15.97
C GLN A 496 16.01 -12.71 15.49
N MET A 497 16.81 -12.19 16.41
CA MET A 497 18.13 -11.58 16.09
C MET A 497 19.12 -12.62 15.51
N VAL A 498 19.15 -13.81 16.08
CA VAL A 498 19.99 -14.88 15.57
C VAL A 498 19.46 -15.42 14.23
N ARG A 499 18.15 -15.54 14.08
CA ARG A 499 17.51 -15.97 12.84
C ARG A 499 17.69 -14.97 11.69
N SER A 500 17.98 -13.71 11.98
CA SER A 500 18.31 -12.79 10.91
C SER A 500 19.73 -13.09 10.38
N GLN A 501 20.49 -13.96 11.05
CA GLN A 501 21.87 -14.25 10.69
C GLN A 501 22.04 -15.68 10.15
N ARG A 502 21.12 -16.61 10.43
CA ARG A 502 21.15 -17.91 9.75
C ARG A 502 19.70 -18.42 9.73
N SER A 503 19.28 -19.01 8.63
CA SER A 503 17.86 -19.38 8.42
C SER A 503 17.39 -20.38 9.49
N GLY A 504 16.25 -20.14 10.13
CA GLY A 504 15.58 -21.18 10.91
C GLY A 504 16.30 -21.52 12.22
N MET A 505 17.19 -20.66 12.72
CA MET A 505 17.83 -20.94 13.99
C MET A 505 16.75 -21.14 15.07
N VAL A 506 16.82 -22.31 15.69
CA VAL A 506 15.78 -22.83 16.63
C VAL A 506 14.58 -23.28 15.81
N GLN A 507 14.40 -24.60 15.71
CA GLN A 507 13.45 -25.23 14.78
C GLN A 507 12.06 -25.46 15.41
N THR A 508 11.96 -25.79 16.70
CA THR A 508 10.72 -26.35 17.21
C THR A 508 10.29 -25.69 18.51
N GLU A 509 9.00 -25.89 18.81
CA GLU A 509 8.47 -25.41 20.03
C GLU A 509 9.13 -26.15 21.21
N ALA A 510 9.49 -27.43 21.01
CA ALA A 510 10.19 -28.17 22.08
C ALA A 510 11.53 -27.51 22.42
N GLN A 511 12.23 -26.99 21.42
CA GLN A 511 13.50 -26.34 21.67
C GLN A 511 13.23 -24.97 22.32
N TYR A 512 12.22 -24.28 21.84
CA TYR A 512 11.85 -23.02 22.41
C TYR A 512 11.62 -23.18 23.92
N ARG A 513 10.77 -24.14 24.31
CA ARG A 513 10.47 -24.43 25.73
C ARG A 513 11.78 -24.76 26.47
N PHE A 514 12.67 -25.54 25.83
CA PHE A 514 13.90 -26.01 26.44
C PHE A 514 14.83 -24.82 26.76
N ILE A 515 14.85 -23.83 25.89
CA ILE A 515 15.63 -22.61 26.10
C ILE A 515 15.15 -21.96 27.41
N TYR A 516 13.85 -21.80 27.58
CA TYR A 516 13.29 -21.22 28.81
C TYR A 516 13.64 -22.11 30.03
N MET A 517 13.50 -23.43 29.92
CA MET A 517 13.84 -24.36 31.01
C MET A 517 15.34 -24.30 31.36
N ALA A 518 16.22 -24.18 30.37
CA ALA A 518 17.62 -24.04 30.66
C ALA A 518 17.94 -22.71 31.36
N VAL A 519 17.31 -21.61 30.95
CA VAL A 519 17.61 -20.33 31.60
C VAL A 519 17.10 -20.39 33.05
N GLN A 520 15.90 -20.95 33.24
CA GLN A 520 15.29 -21.13 34.56
C GLN A 520 16.22 -21.92 35.49
N HIS A 521 16.73 -23.03 34.97
CA HIS A 521 17.61 -23.94 35.71
C HIS A 521 18.92 -23.23 36.08
N TYR A 522 19.48 -22.48 35.12
CA TYR A 522 20.70 -21.71 35.35
C TYR A 522 20.48 -20.69 36.47
N ILE A 523 19.35 -19.99 36.44
CA ILE A 523 19.05 -19.00 37.48
C ILE A 523 18.97 -19.69 38.85
N GLU A 524 18.18 -20.76 38.97
CA GLU A 524 18.04 -21.49 40.24
C GLU A 524 19.40 -21.98 40.75
N THR A 525 20.32 -22.39 39.88
CA THR A 525 21.63 -22.85 40.40
C THR A 525 22.48 -21.64 40.89
N LEU A 526 22.23 -20.42 40.39
CA LEU A 526 22.93 -19.23 40.90
C LEU A 526 22.30 -18.78 42.24
N GLN A 527 21.02 -19.05 42.47
CA GLN A 527 20.37 -18.71 43.74
C GLN A 527 20.80 -19.70 44.83
N ARG A 528 21.15 -20.92 44.44
CA ARG A 528 21.52 -21.97 45.40
C ARG A 528 23.00 -21.81 45.79
N ARG A 529 23.77 -21.05 45.01
CA ARG A 529 25.12 -20.65 45.38
C ARG A 529 25.07 -19.24 45.99
N SER B 4 -9.54 8.11 -4.26
CA SER B 4 -10.40 6.99 -4.77
C SER B 4 -11.88 7.41 -4.75
N ARG B 5 -12.66 6.81 -5.66
CA ARG B 5 -14.08 7.21 -5.86
C ARG B 5 -14.92 5.95 -6.12
N ARG B 6 -14.63 4.93 -5.35
CA ARG B 6 -15.13 3.60 -5.60
C ARG B 6 -16.61 3.51 -5.22
N TRP B 7 -17.15 4.51 -4.52
CA TRP B 7 -18.54 4.50 -4.03
C TRP B 7 -19.51 4.91 -5.15
N PHE B 8 -19.02 5.32 -6.32
CA PHE B 8 -19.89 5.60 -7.46
C PHE B 8 -19.99 4.35 -8.33
N HIS B 9 -21.25 3.95 -8.56
CA HIS B 9 -21.61 2.76 -9.34
C HIS B 9 -22.32 3.22 -10.61
N PRO B 10 -21.61 3.25 -11.76
CA PRO B 10 -22.18 3.82 -13.00
C PRO B 10 -23.36 3.06 -13.61
N ASN B 11 -23.44 1.76 -13.43
CA ASN B 11 -24.37 0.92 -14.22
C ASN B 11 -25.41 0.24 -13.33
N ILE B 12 -25.56 0.63 -12.07
CA ILE B 12 -26.43 -0.10 -11.13
C ILE B 12 -27.84 0.50 -11.21
N THR B 13 -28.88 -0.30 -10.98
CA THR B 13 -30.25 0.21 -10.76
C THR B 13 -30.48 0.50 -9.28
N GLY B 14 -31.57 1.18 -8.96
CA GLY B 14 -31.99 1.38 -7.58
C GLY B 14 -32.25 0.06 -6.87
N VAL B 15 -32.94 -0.86 -7.52
CA VAL B 15 -33.18 -2.16 -6.91
C VAL B 15 -31.82 -2.83 -6.65
N GLU B 16 -30.88 -2.74 -7.59
CA GLU B 16 -29.58 -3.37 -7.35
C GLU B 16 -28.89 -2.68 -6.16
N ALA B 17 -28.99 -1.34 -6.10
CA ALA B 17 -28.38 -0.54 -5.02
C ALA B 17 -28.91 -1.00 -3.65
N GLU B 18 -30.21 -1.19 -3.54
CA GLU B 18 -30.82 -1.62 -2.28
C GLU B 18 -30.23 -2.96 -1.86
N ASN B 19 -30.19 -3.89 -2.80
CA ASN B 19 -29.77 -5.26 -2.53
C ASN B 19 -28.31 -5.25 -2.08
N LEU B 20 -27.49 -4.44 -2.74
CA LEU B 20 -26.07 -4.35 -2.40
C LEU B 20 -25.92 -3.87 -0.95
N LEU B 21 -26.61 -2.80 -0.61
CA LEU B 21 -26.49 -2.22 0.71
C LEU B 21 -27.01 -3.19 1.77
N LEU B 22 -28.08 -3.92 1.47
CA LEU B 22 -28.68 -4.79 2.44
C LEU B 22 -27.82 -6.05 2.61
N THR B 23 -27.22 -6.58 1.54
CA THR B 23 -26.49 -7.85 1.65
C THR B 23 -25.00 -7.61 1.94
N ARG B 24 -24.40 -6.55 1.40
CA ARG B 24 -22.94 -6.37 1.53
C ARG B 24 -22.58 -5.12 2.34
N GLY B 25 -23.54 -4.26 2.69
CA GLY B 25 -23.24 -3.14 3.55
C GLY B 25 -23.80 -3.32 4.95
N VAL B 26 -23.68 -2.27 5.75
CA VAL B 26 -24.17 -2.21 7.12
C VAL B 26 -24.80 -0.83 7.33
N ASP B 27 -25.31 -0.55 8.53
CA ASP B 27 -25.82 0.79 8.76
C ASP B 27 -24.68 1.79 8.65
N GLY B 28 -24.91 2.83 7.85
CA GLY B 28 -23.93 3.83 7.50
C GLY B 28 -23.29 3.56 6.16
N SER B 29 -23.55 2.43 5.51
CA SER B 29 -22.98 2.20 4.15
C SER B 29 -23.71 3.08 3.12
N PHE B 30 -23.01 3.49 2.06
CA PHE B 30 -23.61 4.27 1.02
C PHE B 30 -22.90 4.10 -0.32
N LEU B 31 -23.58 4.56 -1.36
CA LEU B 31 -23.07 4.61 -2.70
C LEU B 31 -23.79 5.75 -3.44
N ALA B 32 -23.23 6.18 -4.56
CA ALA B 32 -23.91 7.12 -5.42
C ALA B 32 -24.04 6.47 -6.81
N ARG B 33 -25.06 6.87 -7.55
CA ARG B 33 -25.31 6.27 -8.85
C ARG B 33 -26.04 7.29 -9.74
N PRO B 34 -26.00 7.04 -11.05
CA PRO B 34 -26.81 7.83 -12.00
C PRO B 34 -28.29 7.50 -11.76
N SER B 35 -29.14 8.51 -11.85
CA SER B 35 -30.57 8.29 -11.75
C SER B 35 -31.05 7.65 -13.06
N LYS B 36 -31.81 6.57 -12.94
CA LYS B 36 -32.44 5.92 -14.08
C LYS B 36 -33.77 6.60 -14.37
N SER B 37 -34.46 6.99 -13.30
CA SER B 37 -35.75 7.68 -13.36
C SER B 37 -35.63 9.07 -14.01
N ASN B 38 -34.64 9.87 -13.58
CA ASN B 38 -34.48 11.23 -14.11
C ASN B 38 -33.07 11.39 -14.70
N PRO B 39 -32.88 10.98 -15.97
CA PRO B 39 -31.63 11.08 -16.76
C PRO B 39 -30.90 12.42 -16.63
N GLY B 40 -29.63 12.34 -16.23
CA GLY B 40 -28.81 13.54 -15.96
C GLY B 40 -28.72 13.86 -14.48
N ASP B 41 -29.55 13.22 -13.63
CA ASP B 41 -29.45 13.41 -12.20
C ASP B 41 -28.68 12.28 -11.57
N PHE B 42 -28.48 12.39 -10.25
CA PHE B 42 -27.78 11.37 -9.47
C PHE B 42 -28.60 10.98 -8.23
N THR B 43 -28.20 9.91 -7.59
CA THR B 43 -28.86 9.46 -6.38
C THR B 43 -27.83 8.95 -5.39
N LEU B 44 -28.01 9.36 -4.14
CA LEU B 44 -27.23 8.93 -3.00
C LEU B 44 -28.06 7.90 -2.24
N SER B 45 -27.63 6.64 -2.28
CA SER B 45 -28.34 5.56 -1.62
C SER B 45 -27.60 5.19 -0.34
N VAL B 46 -28.30 5.23 0.80
CA VAL B 46 -27.68 5.17 2.13
C VAL B 46 -28.43 4.14 2.98
N ARG B 47 -27.69 3.23 3.65
CA ARG B 47 -28.31 2.29 4.61
C ARG B 47 -28.39 2.97 5.99
N ARG B 48 -29.57 2.88 6.60
CA ARG B 48 -29.79 3.36 7.96
C ARG B 48 -30.90 2.51 8.60
N ASN B 49 -30.67 2.10 9.85
CA ASN B 49 -31.61 1.28 10.62
C ASN B 49 -32.03 0.03 9.84
N GLY B 50 -31.13 -0.54 9.05
CA GLY B 50 -31.42 -1.76 8.28
C GLY B 50 -32.39 -1.52 7.11
N ALA B 51 -32.61 -0.25 6.75
CA ALA B 51 -33.39 0.11 5.53
C ALA B 51 -32.53 0.99 4.63
N VAL B 52 -32.89 1.11 3.34
CA VAL B 52 -32.16 1.92 2.38
C VAL B 52 -32.96 3.20 2.06
N THR B 53 -32.33 4.36 2.15
CA THR B 53 -32.96 5.62 1.69
C THR B 53 -32.23 6.13 0.44
N HIS B 54 -33.00 6.67 -0.50
CA HIS B 54 -32.44 7.22 -1.70
C HIS B 54 -32.65 8.73 -1.67
N ILE B 55 -31.58 9.50 -1.86
CA ILE B 55 -31.64 10.94 -1.82
C ILE B 55 -31.21 11.48 -3.18
N LYS B 56 -32.08 12.29 -3.78
CA LYS B 56 -31.87 12.83 -5.11
C LYS B 56 -30.79 13.92 -5.11
N ILE B 57 -29.96 13.88 -6.15
CA ILE B 57 -29.00 14.93 -6.45
C ILE B 57 -29.28 15.40 -7.86
N GLN B 58 -29.51 16.69 -7.97
CA GLN B 58 -29.85 17.31 -9.21
C GLN B 58 -28.67 18.14 -9.72
N ASN B 59 -28.42 18.08 -11.02
CA ASN B 59 -27.50 18.98 -11.63
C ASN B 59 -28.03 19.44 -12.98
N THR B 60 -28.51 20.68 -13.04
CA THR B 60 -29.01 21.26 -14.31
C THR B 60 -27.88 21.98 -15.05
N GLY B 61 -26.70 22.07 -14.46
CA GLY B 61 -25.61 22.70 -15.17
C GLY B 61 -24.76 23.59 -14.30
N ASP B 62 -25.23 23.95 -13.12
CA ASP B 62 -24.55 24.95 -12.31
C ASP B 62 -23.77 24.42 -11.09
N TYR B 63 -24.28 23.33 -10.52
CA TYR B 63 -23.82 22.69 -9.29
C TYR B 63 -24.68 21.46 -9.01
N TYR B 64 -24.17 20.59 -8.12
CA TYR B 64 -24.89 19.43 -7.61
C TYR B 64 -25.71 19.87 -6.39
N ASP B 65 -27.01 19.70 -6.49
CA ASP B 65 -27.95 20.10 -5.46
C ASP B 65 -28.53 18.87 -4.76
N LEU B 66 -28.08 18.63 -3.54
CA LEU B 66 -28.52 17.46 -2.78
C LEU B 66 -29.85 17.82 -2.10
N TYR B 67 -30.92 17.08 -2.41
CA TYR B 67 -32.25 17.38 -1.85
C TYR B 67 -32.12 17.35 -0.32
N GLY B 68 -32.51 18.44 0.33
CA GLY B 68 -32.46 18.53 1.79
C GLY B 68 -31.04 18.57 2.33
N GLY B 69 -30.11 18.88 1.44
CA GLY B 69 -28.70 19.02 1.76
C GLY B 69 -28.20 20.31 1.14
N GLU B 70 -26.94 20.34 0.77
CA GLU B 70 -26.35 21.57 0.29
C GLU B 70 -25.96 21.36 -1.17
N LYS B 71 -25.37 22.38 -1.74
CA LYS B 71 -24.89 22.39 -3.11
C LYS B 71 -23.37 22.29 -3.15
N PHE B 72 -22.86 21.57 -4.16
CA PHE B 72 -21.52 21.11 -4.19
C PHE B 72 -20.99 21.20 -5.62
N ALA B 73 -19.68 21.34 -5.73
CA ALA B 73 -19.05 21.43 -7.04
C ALA B 73 -18.77 20.05 -7.68
N THR B 74 -18.59 19.00 -6.90
CA THR B 74 -18.38 17.64 -7.41
C THR B 74 -19.02 16.64 -6.46
N LEU B 75 -19.30 15.44 -6.94
CA LEU B 75 -19.81 14.42 -6.03
C LEU B 75 -18.72 14.05 -5.01
N ALA B 76 -17.45 14.12 -5.40
CA ALA B 76 -16.38 13.74 -4.44
C ALA B 76 -16.30 14.77 -3.32
N GLU B 77 -16.44 16.07 -3.64
CA GLU B 77 -16.45 17.14 -2.63
C GLU B 77 -17.67 16.98 -1.70
N LEU B 78 -18.83 16.58 -2.24
CA LEU B 78 -20.03 16.31 -1.43
C LEU B 78 -19.78 15.17 -0.44
N VAL B 79 -19.19 14.09 -0.92
CA VAL B 79 -19.02 12.91 -0.09
C VAL B 79 -17.98 13.23 0.99
N GLN B 80 -16.89 13.91 0.62
CA GLN B 80 -15.85 14.33 1.57
C GLN B 80 -16.47 15.22 2.67
N TYR B 81 -17.33 16.14 2.29
CA TYR B 81 -17.91 17.08 3.23
C TYR B 81 -18.70 16.30 4.30
N TYR B 82 -19.57 15.42 3.83
CA TYR B 82 -20.44 14.68 4.74
C TYR B 82 -19.67 13.56 5.47
N MET B 83 -18.63 12.98 4.90
CA MET B 83 -17.86 11.95 5.66
C MET B 83 -17.02 12.59 6.78
N GLU B 84 -16.82 13.93 6.74
CA GLU B 84 -16.13 14.69 7.81
C GLU B 84 -17.16 15.33 8.76
N HIS B 85 -18.14 16.01 8.19
CA HIS B 85 -19.25 16.61 8.96
C HIS B 85 -20.36 15.57 9.20
N HIS B 86 -20.23 14.79 10.27
CA HIS B 86 -21.33 13.89 10.69
C HIS B 86 -22.43 14.73 11.34
N GLY B 87 -23.67 14.26 11.26
CA GLY B 87 -24.82 15.01 11.77
C GLY B 87 -25.24 16.15 10.84
N GLN B 88 -24.41 16.48 9.86
CA GLN B 88 -24.67 17.61 8.96
C GLN B 88 -25.64 17.18 7.85
N LEU B 89 -25.58 15.96 7.34
CA LEU B 89 -26.63 15.55 6.39
C LEU B 89 -27.89 15.20 7.18
N LYS B 90 -28.94 15.96 6.91
CA LYS B 90 -30.26 15.64 7.43
C LYS B 90 -31.16 15.23 6.26
N GLU B 91 -31.89 14.16 6.46
CA GLU B 91 -33.01 13.84 5.60
C GLU B 91 -34.04 14.97 5.70
N LYS B 92 -34.91 15.12 4.72
CA LYS B 92 -35.90 16.21 4.73
C LYS B 92 -36.85 16.07 5.92
N ASN B 93 -37.00 14.88 6.49
CA ASN B 93 -37.80 14.70 7.73
C ASN B 93 -37.09 15.34 8.93
N GLY B 94 -35.82 15.73 8.77
CA GLY B 94 -35.02 16.36 9.81
C GLY B 94 -34.07 15.38 10.49
N ASP B 95 -34.25 14.07 10.27
CA ASP B 95 -33.38 13.03 10.86
C ASP B 95 -32.00 12.99 10.19
N VAL B 96 -30.96 12.91 11.00
CA VAL B 96 -29.58 12.83 10.48
C VAL B 96 -29.39 11.48 9.78
N ILE B 97 -28.65 11.56 8.68
CA ILE B 97 -28.17 10.43 7.91
C ILE B 97 -26.65 10.48 7.98
N GLU B 98 -26.04 9.36 8.34
CA GLU B 98 -24.58 9.29 8.39
C GLU B 98 -24.07 8.54 7.15
N LEU B 99 -23.16 9.16 6.45
CA LEU B 99 -22.34 8.51 5.42
C LEU B 99 -21.06 8.02 6.10
N LYS B 100 -21.00 6.72 6.41
CA LYS B 100 -19.89 6.13 7.16
C LYS B 100 -19.03 5.26 6.24
N TYR B 101 -19.66 4.29 5.57
CA TYR B 101 -18.93 3.22 4.85
C TYR B 101 -19.24 3.26 3.34
N PRO B 102 -18.29 3.74 2.53
CA PRO B 102 -18.47 3.62 1.11
C PRO B 102 -18.65 2.15 0.72
N LEU B 103 -19.64 1.85 -0.11
CA LEU B 103 -19.79 0.53 -0.68
C LEU B 103 -19.12 0.55 -2.05
N ASN B 104 -18.05 -0.21 -2.18
CA ASN B 104 -17.15 -0.08 -3.32
C ASN B 104 -17.69 -0.85 -4.53
N CYS B 105 -17.46 -0.25 -5.67
CA CYS B 105 -17.95 -0.75 -6.94
C CYS B 105 -16.85 -1.58 -7.61
N ALA B 106 -17.17 -2.76 -8.13
CA ALA B 106 -16.13 -3.62 -8.75
C ALA B 106 -16.10 -3.41 -10.27
N ASP B 107 -17.09 -2.71 -10.81
CA ASP B 107 -17.25 -2.47 -12.25
C ASP B 107 -16.09 -1.64 -12.84
N PRO B 108 -15.35 -2.16 -13.82
CA PRO B 108 -14.23 -1.41 -14.39
C PRO B 108 -14.54 -0.43 -15.54
N THR B 109 -15.82 -0.23 -15.87
CA THR B 109 -16.23 0.52 -17.10
C THR B 109 -15.69 1.96 -17.13
N SER B 110 -15.57 2.64 -16.01
CA SER B 110 -15.14 4.05 -16.01
C SER B 110 -13.66 4.19 -15.69
N GLU B 111 -12.91 3.07 -15.66
CA GLU B 111 -11.45 3.15 -15.56
C GLU B 111 -10.87 3.48 -16.94
N ARG B 112 -9.96 4.43 -16.96
CA ARG B 112 -9.30 4.88 -18.17
C ARG B 112 -8.61 3.72 -18.90
N TRP B 113 -8.07 2.79 -18.13
CA TRP B 113 -7.29 1.71 -18.70
C TRP B 113 -8.22 0.60 -19.21
N PHE B 114 -9.53 0.67 -19.00
CA PHE B 114 -10.36 -0.47 -19.41
C PHE B 114 -10.92 -0.27 -20.82
N HIS B 115 -10.65 -1.23 -21.70
CA HIS B 115 -11.22 -1.24 -23.05
C HIS B 115 -11.87 -2.61 -23.30
N GLY B 116 -13.08 -2.79 -22.78
CA GLY B 116 -13.68 -4.12 -22.64
C GLY B 116 -13.52 -4.99 -23.87
N HIS B 117 -14.38 -4.77 -24.88
CA HIS B 117 -14.42 -5.65 -26.05
C HIS B 117 -13.49 -5.09 -27.12
N LEU B 118 -12.19 -5.21 -26.87
CA LEU B 118 -11.14 -4.71 -27.74
C LEU B 118 -10.24 -5.88 -28.10
N SER B 119 -9.87 -5.98 -29.38
CA SER B 119 -9.17 -7.14 -29.91
C SER B 119 -7.71 -7.14 -29.47
N GLY B 120 -7.12 -8.32 -29.36
CA GLY B 120 -5.67 -8.47 -29.12
C GLY B 120 -4.85 -7.65 -30.11
N LYS B 121 -5.25 -7.74 -31.38
CA LYS B 121 -4.53 -7.11 -32.50
C LYS B 121 -4.73 -5.59 -32.43
N GLU B 122 -5.98 -5.18 -32.25
CA GLU B 122 -6.31 -3.76 -32.17
C GLU B 122 -5.58 -3.13 -30.97
N ALA B 123 -5.43 -3.89 -29.87
CA ALA B 123 -4.75 -3.39 -28.66
C ALA B 123 -3.24 -3.24 -28.90
N GLU B 124 -2.69 -4.12 -29.72
CA GLU B 124 -1.27 -4.05 -30.07
C GLU B 124 -1.02 -2.85 -31.01
N LYS B 125 -1.92 -2.60 -31.96
CA LYS B 125 -1.80 -1.43 -32.86
C LYS B 125 -1.83 -0.12 -32.06
N LEU B 126 -2.84 0.04 -31.21
CA LEU B 126 -2.98 1.24 -30.40
C LEU B 126 -1.71 1.47 -29.56
N LEU B 127 -1.24 0.45 -28.84
CA LEU B 127 -0.07 0.61 -27.95
C LEU B 127 1.18 0.93 -28.79
N THR B 128 1.28 0.35 -29.98
CA THR B 128 2.41 0.61 -30.89
C THR B 128 2.37 2.07 -31.38
N GLU B 129 1.18 2.58 -31.71
CA GLU B 129 1.03 3.90 -32.36
C GLU B 129 0.95 5.03 -31.33
N LYS B 130 0.13 4.90 -30.29
CA LYS B 130 -0.16 6.01 -29.37
C LYS B 130 0.65 5.90 -28.06
N GLY B 131 1.19 4.73 -27.77
CA GLY B 131 1.72 4.46 -26.44
C GLY B 131 3.20 4.77 -26.30
N LYS B 132 3.66 4.86 -25.06
CA LYS B 132 5.09 4.96 -24.77
C LYS B 132 5.38 4.00 -23.61
N HIS B 133 6.56 4.12 -23.00
CA HIS B 133 6.93 3.19 -21.95
C HIS B 133 5.93 3.27 -20.80
N GLY B 134 5.42 2.10 -20.40
CA GLY B 134 4.51 2.01 -19.27
C GLY B 134 3.07 2.30 -19.63
N SER B 135 2.75 2.46 -20.92
CA SER B 135 1.36 2.61 -21.35
C SER B 135 0.67 1.25 -21.28
N PHE B 136 -0.50 1.18 -20.66
CA PHE B 136 -1.17 -0.10 -20.49
C PHE B 136 -2.68 0.06 -20.64
N LEU B 137 -3.30 -1.09 -20.81
CA LEU B 137 -4.73 -1.22 -20.93
C LEU B 137 -5.14 -2.64 -20.51
N VAL B 138 -6.42 -2.78 -20.20
CA VAL B 138 -6.99 -4.08 -19.90
C VAL B 138 -8.18 -4.29 -20.84
N ARG B 139 -8.24 -5.50 -21.41
CA ARG B 139 -9.26 -5.90 -22.37
C ARG B 139 -9.81 -7.27 -21.99
N GLU B 140 -11.07 -7.52 -22.36
CA GLU B 140 -11.66 -8.85 -22.21
C GLU B 140 -10.92 -9.84 -23.12
N SER B 141 -10.67 -11.05 -22.61
CA SER B 141 -10.04 -12.11 -23.42
C SER B 141 -11.03 -12.55 -24.50
N GLN B 142 -10.49 -12.81 -25.69
CA GLN B 142 -11.24 -13.43 -26.78
C GLN B 142 -10.94 -14.94 -26.80
N SER B 143 -9.86 -15.35 -26.14
CA SER B 143 -9.52 -16.77 -26.00
C SER B 143 -10.34 -17.42 -24.87
N HIS B 144 -10.29 -16.82 -23.68
CA HIS B 144 -10.92 -17.40 -22.48
C HIS B 144 -12.05 -16.47 -21.99
N PRO B 145 -13.30 -16.71 -22.42
CA PRO B 145 -14.38 -15.73 -22.12
C PRO B 145 -14.65 -15.51 -20.63
N GLY B 146 -14.63 -14.25 -20.20
CA GLY B 146 -14.78 -13.90 -18.79
C GLY B 146 -13.44 -13.59 -18.13
N ASP B 147 -12.36 -14.08 -18.73
CA ASP B 147 -11.03 -13.66 -18.37
C ASP B 147 -10.69 -12.35 -19.06
N PHE B 148 -9.53 -11.80 -18.72
CA PHE B 148 -9.11 -10.51 -19.21
C PHE B 148 -7.63 -10.58 -19.61
N VAL B 149 -7.14 -9.54 -20.29
CA VAL B 149 -5.73 -9.43 -20.61
C VAL B 149 -5.24 -8.03 -20.24
N LEU B 150 -4.14 -7.97 -19.53
CA LEU B 150 -3.41 -6.72 -19.32
C LEU B 150 -2.32 -6.61 -20.40
N SER B 151 -2.37 -5.53 -21.18
CA SER B 151 -1.40 -5.32 -22.26
C SER B 151 -0.57 -4.06 -21.96
N VAL B 152 0.76 -4.20 -21.97
CA VAL B 152 1.64 -3.19 -21.43
C VAL B 152 2.80 -2.99 -22.39
N ARG B 153 3.07 -1.73 -22.71
CA ARG B 153 4.23 -1.38 -23.50
C ARG B 153 5.39 -1.00 -22.57
N THR B 154 6.58 -1.49 -22.92
CA THR B 154 7.83 -1.17 -22.24
C THR B 154 8.91 -0.86 -23.29
N GLY B 155 9.85 0.02 -22.96
CA GLY B 155 10.98 0.29 -23.85
C GLY B 155 11.52 1.71 -23.67
N ASP B 156 12.25 2.19 -24.67
CA ASP B 156 13.04 3.42 -24.53
C ASP B 156 12.23 4.72 -24.61
N ASP B 157 11.81 5.16 -25.80
CA ASP B 157 11.10 6.44 -25.95
C ASP B 157 9.61 6.22 -26.26
N SER B 161 11.01 5.26 -34.65
CA SER B 161 12.18 4.41 -34.75
C SER B 161 11.87 3.03 -34.17
N ASN B 162 11.34 2.14 -35.01
CA ASN B 162 10.94 0.78 -34.59
C ASN B 162 12.16 -0.15 -34.67
N ASP B 163 13.09 0.03 -33.75
CA ASP B 163 14.33 -0.77 -33.71
C ASP B 163 14.30 -1.87 -32.65
N GLY B 164 13.12 -2.24 -32.19
CA GLY B 164 12.96 -3.37 -31.26
C GLY B 164 13.35 -3.03 -29.82
N LYS B 165 13.53 -1.75 -29.53
CA LYS B 165 13.87 -1.32 -28.16
C LYS B 165 12.59 -1.27 -27.32
N SER B 166 11.43 -1.23 -27.97
CA SER B 166 10.15 -1.31 -27.26
C SER B 166 9.42 -2.62 -27.62
N LYS B 167 8.46 -3.02 -26.78
CA LYS B 167 7.66 -4.24 -27.01
C LYS B 167 6.33 -4.11 -26.27
N VAL B 168 5.33 -4.87 -26.71
CA VAL B 168 4.12 -5.02 -25.95
C VAL B 168 4.14 -6.41 -25.31
N THR B 169 3.78 -6.48 -24.03
CA THR B 169 3.69 -7.73 -23.27
C THR B 169 2.23 -7.94 -22.87
N HIS B 170 1.72 -9.17 -23.00
CA HIS B 170 0.32 -9.47 -22.64
C HIS B 170 0.30 -10.39 -21.41
N VAL B 171 -0.43 -10.01 -20.38
CA VAL B 171 -0.51 -10.80 -19.16
C VAL B 171 -1.95 -11.28 -18.99
N MET B 172 -2.14 -12.59 -18.93
CA MET B 172 -3.48 -13.15 -18.83
C MET B 172 -3.99 -12.94 -17.40
N ILE B 173 -5.21 -12.43 -17.28
CA ILE B 173 -5.87 -12.28 -16.01
C ILE B 173 -7.03 -13.27 -15.97
N ARG B 174 -6.94 -14.25 -15.08
CA ARG B 174 -7.99 -15.23 -14.96
C ARG B 174 -9.08 -14.66 -14.04
N CYS B 175 -10.32 -15.07 -14.31
CA CYS B 175 -11.44 -14.80 -13.43
C CYS B 175 -11.95 -16.15 -12.91
N GLN B 176 -11.73 -16.35 -11.62
CA GLN B 176 -12.03 -17.61 -10.95
C GLN B 176 -12.89 -17.31 -9.73
N GLU B 177 -14.13 -17.79 -9.74
CA GLU B 177 -15.05 -17.62 -8.61
C GLU B 177 -15.12 -16.16 -8.19
N LEU B 178 -15.35 -15.27 -9.14
CA LEU B 178 -15.64 -13.85 -8.89
C LEU B 178 -14.38 -13.11 -8.40
N LYS B 179 -13.20 -13.69 -8.61
CA LYS B 179 -11.95 -13.03 -8.22
C LYS B 179 -10.93 -13.13 -9.36
N TYR B 180 -10.00 -12.20 -9.38
CA TYR B 180 -9.08 -12.01 -10.51
C TYR B 180 -7.63 -12.25 -10.08
N ASP B 181 -6.88 -13.00 -10.87
CA ASP B 181 -5.45 -13.15 -10.66
C ASP B 181 -4.65 -13.22 -11.96
N VAL B 182 -3.33 -13.10 -11.83
CA VAL B 182 -2.42 -13.20 -12.98
C VAL B 182 -1.73 -14.57 -13.02
N GLY B 183 -2.31 -15.61 -12.41
CA GLY B 183 -1.75 -16.96 -12.50
C GLY B 183 -1.08 -17.40 -11.21
N GLY B 184 -0.96 -16.51 -10.22
CA GLY B 184 -0.44 -16.89 -8.90
C GLY B 184 -0.43 -15.71 -7.95
N GLY B 185 -0.31 -15.98 -6.65
CA GLY B 185 -0.25 -14.90 -5.65
C GLY B 185 -1.63 -14.53 -5.13
N GLU B 186 -1.86 -13.24 -5.01
CA GLU B 186 -3.11 -12.70 -4.45
C GLU B 186 -4.25 -12.82 -5.47
N ARG B 187 -5.46 -13.02 -4.95
CA ARG B 187 -6.71 -13.04 -5.71
C ARG B 187 -7.54 -11.81 -5.30
N PHE B 188 -7.86 -10.98 -6.28
CA PHE B 188 -8.39 -9.63 -6.08
C PHE B 188 -9.91 -9.60 -6.33
N ASP B 189 -10.57 -8.70 -5.63
CA ASP B 189 -12.03 -8.66 -5.67
C ASP B 189 -12.52 -7.96 -6.95
N SER B 190 -11.63 -7.21 -7.59
CA SER B 190 -11.97 -6.40 -8.76
C SER B 190 -10.72 -6.22 -9.64
N LEU B 191 -10.94 -5.89 -10.91
CA LEU B 191 -9.85 -5.57 -11.82
C LEU B 191 -9.11 -4.33 -11.30
N THR B 192 -9.85 -3.34 -10.84
CA THR B 192 -9.26 -2.14 -10.27
C THR B 192 -8.27 -2.49 -9.15
N ASP B 193 -8.66 -3.34 -8.22
CA ASP B 193 -7.76 -3.73 -7.15
C ASP B 193 -6.50 -4.43 -7.67
N LEU B 194 -6.69 -5.30 -8.68
CA LEU B 194 -5.54 -5.99 -9.30
C LEU B 194 -4.59 -4.97 -9.95
N VAL B 195 -5.15 -4.06 -10.75
CA VAL B 195 -4.39 -3.05 -11.47
C VAL B 195 -3.66 -2.14 -10.47
N GLU B 196 -4.36 -1.67 -9.44
CA GLU B 196 -3.72 -0.80 -8.39
C GLU B 196 -2.55 -1.53 -7.71
N HIS B 197 -2.71 -2.82 -7.38
CA HIS B 197 -1.64 -3.59 -6.73
C HIS B 197 -0.39 -3.67 -7.63
N TYR B 198 -0.60 -3.90 -8.92
CA TYR B 198 0.52 -4.16 -9.83
C TYR B 198 1.10 -2.84 -10.32
N LYS B 199 0.36 -1.74 -10.14
CA LYS B 199 0.90 -0.39 -10.25
C LYS B 199 1.91 -0.09 -9.14
N LYS B 200 1.64 -0.56 -7.93
CA LYS B 200 2.51 -0.32 -6.77
C LYS B 200 3.61 -1.38 -6.72
N ASN B 201 3.32 -2.59 -7.19
CA ASN B 201 4.28 -3.69 -7.12
C ASN B 201 4.46 -4.29 -8.52
N PRO B 202 5.14 -3.55 -9.41
CA PRO B 202 5.30 -4.01 -10.77
C PRO B 202 5.71 -5.49 -10.84
N MET B 203 5.10 -6.21 -11.78
CA MET B 203 5.57 -7.53 -12.16
C MET B 203 6.96 -7.39 -12.80
N VAL B 204 7.84 -8.36 -12.51
CA VAL B 204 9.16 -8.47 -13.14
C VAL B 204 9.22 -9.79 -13.92
N GLU B 205 9.56 -9.71 -15.20
CA GLU B 205 9.84 -10.92 -16.01
C GLU B 205 11.13 -11.54 -15.47
N THR B 206 11.37 -12.82 -15.77
CA THR B 206 12.51 -13.53 -15.20
C THR B 206 13.82 -12.94 -15.72
N LEU B 207 13.87 -12.47 -16.96
CA LEU B 207 15.12 -11.91 -17.48
C LEU B 207 15.23 -10.45 -17.05
N GLY B 208 14.21 -9.93 -16.40
CA GLY B 208 14.37 -8.74 -15.54
C GLY B 208 13.54 -7.55 -15.97
N THR B 209 12.88 -7.57 -17.13
CA THR B 209 12.06 -6.44 -17.53
C THR B 209 10.96 -6.21 -16.47
N VAL B 210 10.80 -4.96 -16.08
CA VAL B 210 9.79 -4.53 -15.13
C VAL B 210 8.55 -4.09 -15.92
N LEU B 211 7.41 -4.71 -15.69
CA LEU B 211 6.19 -4.36 -16.43
C LEU B 211 5.47 -3.22 -15.71
N GLN B 212 6.02 -2.02 -15.88
CA GLN B 212 5.56 -0.85 -15.15
C GLN B 212 4.25 -0.35 -15.77
N LEU B 213 3.27 -0.14 -14.91
CA LEU B 213 2.00 0.41 -15.32
C LEU B 213 2.00 1.91 -15.00
N LYS B 214 2.60 2.68 -15.89
CA LYS B 214 2.91 4.07 -15.62
C LYS B 214 1.67 4.93 -15.91
N GLN B 215 1.09 4.76 -17.10
CA GLN B 215 -0.12 5.50 -17.44
C GLN B 215 -1.02 4.66 -18.37
N PRO B 216 -2.33 4.85 -18.28
CA PRO B 216 -3.29 4.25 -19.19
C PRO B 216 -3.12 4.78 -20.62
N LEU B 217 -3.27 3.92 -21.62
CA LEU B 217 -3.13 4.38 -22.99
C LEU B 217 -4.12 5.53 -23.23
N ASN B 218 -3.62 6.61 -23.81
CA ASN B 218 -4.49 7.74 -24.13
C ASN B 218 -5.19 7.50 -25.46
N THR B 219 -6.53 7.39 -25.44
CA THR B 219 -7.29 7.23 -26.69
C THR B 219 -8.17 8.45 -26.97
N THR B 220 -8.10 9.48 -26.14
CA THR B 220 -9.03 10.62 -26.27
C THR B 220 -8.39 11.76 -27.10
N ARG B 221 -7.07 11.84 -27.14
CA ARG B 221 -6.41 12.80 -28.01
C ARG B 221 -6.78 12.47 -29.45
N ILE B 222 -7.25 13.46 -30.19
CA ILE B 222 -7.55 13.28 -31.60
C ILE B 222 -6.87 14.40 -32.41
N ASN B 223 -6.74 14.16 -33.70
CA ASN B 223 -6.39 15.24 -34.60
C ASN B 223 -7.66 16.07 -34.82
N ALA B 224 -7.54 17.40 -34.81
CA ALA B 224 -8.73 18.26 -34.89
C ALA B 224 -9.52 18.01 -36.18
N ALA B 225 -8.83 17.62 -37.26
CA ALA B 225 -9.49 17.36 -38.55
C ALA B 225 -10.43 16.14 -38.44
N GLU B 226 -10.12 15.20 -37.55
CA GLU B 226 -10.92 13.99 -37.35
C GLU B 226 -12.11 14.23 -36.38
N ILE B 227 -12.41 15.49 -36.01
CA ILE B 227 -13.41 15.71 -34.95
C ILE B 227 -14.72 15.02 -35.31
N GLU B 228 -15.12 15.15 -36.58
CA GLU B 228 -16.41 14.66 -37.07
C GLU B 228 -16.54 13.16 -36.83
N SER B 229 -15.50 12.39 -37.19
CA SER B 229 -15.45 10.94 -36.99
C SER B 229 -15.67 10.58 -35.52
N ARG B 230 -15.03 11.33 -34.61
CA ARG B 230 -15.01 10.99 -33.17
C ARG B 230 -16.39 11.26 -32.56
N VAL B 231 -17.01 12.37 -32.95
CA VAL B 231 -18.36 12.74 -32.52
C VAL B 231 -19.34 11.66 -32.99
N ARG B 232 -19.27 11.24 -34.26
CA ARG B 232 -20.14 10.12 -34.74
C ARG B 232 -19.89 8.86 -33.91
N GLU B 233 -18.61 8.55 -33.64
CA GLU B 233 -18.21 7.41 -32.74
C GLU B 233 -18.86 7.55 -31.36
N LEU B 234 -18.73 8.71 -30.70
CA LEU B 234 -19.22 8.87 -29.31
C LEU B 234 -20.76 9.00 -29.29
N SER B 235 -21.37 9.39 -30.40
CA SER B 235 -22.82 9.50 -30.51
C SER B 235 -23.52 8.13 -30.60
N LYS B 236 -22.80 7.04 -30.87
CA LYS B 236 -23.43 5.71 -31.02
C LYS B 236 -23.82 5.15 -29.64
N GLY B 247 -21.55 6.51 -25.95
CA GLY B 247 -20.12 6.69 -25.93
C GLY B 247 -19.70 7.98 -25.23
N PHE B 248 -20.44 9.07 -25.49
CA PHE B 248 -20.25 10.33 -24.78
C PHE B 248 -20.41 10.14 -23.27
N TRP B 249 -21.39 9.32 -22.85
CA TRP B 249 -21.65 9.14 -21.42
C TRP B 249 -20.47 8.44 -20.75
N GLU B 250 -19.95 7.38 -21.38
CA GLU B 250 -18.84 6.57 -20.83
C GLU B 250 -17.58 7.41 -20.67
N GLU B 251 -17.26 8.18 -21.71
CA GLU B 251 -16.04 8.97 -21.70
C GLU B 251 -16.12 10.05 -20.61
N PHE B 252 -17.28 10.70 -20.49
CA PHE B 252 -17.54 11.67 -19.42
C PHE B 252 -17.49 11.01 -18.03
N GLU B 253 -18.11 9.85 -17.85
CA GLU B 253 -18.08 9.22 -16.51
C GLU B 253 -16.65 8.80 -16.16
N THR B 254 -15.82 8.45 -17.16
CA THR B 254 -14.41 8.12 -16.94
C THR B 254 -13.69 9.35 -16.39
N LEU B 255 -14.00 10.52 -16.96
CA LEU B 255 -13.47 11.78 -16.48
C LEU B 255 -13.95 12.05 -15.04
N GLN B 256 -15.23 11.81 -14.78
CA GLN B 256 -15.80 12.11 -13.44
C GLN B 256 -15.08 11.26 -12.39
N GLN B 257 -14.75 10.03 -12.76
CA GLN B 257 -14.03 9.13 -11.88
C GLN B 257 -12.69 9.70 -11.40
N GLN B 258 -12.02 10.55 -12.18
CA GLN B 258 -10.72 11.08 -11.75
C GLN B 258 -10.88 12.31 -10.85
N GLU B 259 -12.10 12.72 -10.49
CA GLU B 259 -12.24 13.97 -9.72
C GLU B 259 -11.69 13.81 -8.30
N CYS B 260 -11.61 12.56 -7.81
N CYS B 260 -11.60 12.57 -7.78
CA CYS B 260 -11.07 12.27 -6.47
CA CYS B 260 -11.10 12.35 -6.42
C CYS B 260 -9.59 12.67 -6.35
C CYS B 260 -9.59 12.66 -6.35
N LYS B 261 -8.92 12.89 -7.48
CA LYS B 261 -7.49 13.33 -7.46
C LYS B 261 -7.39 14.85 -7.24
N LEU B 262 -8.52 15.55 -7.21
CA LEU B 262 -8.51 17.01 -7.25
C LEU B 262 -9.13 17.58 -5.97
N LEU B 263 -9.04 16.85 -4.86
CA LEU B 263 -9.58 17.33 -3.60
C LEU B 263 -8.58 18.23 -2.87
N TYR B 264 -8.17 19.31 -3.52
CA TYR B 264 -7.17 20.24 -2.98
C TYR B 264 -7.82 21.12 -1.91
N SER B 265 -6.97 21.66 -1.04
CA SER B 265 -7.47 22.43 0.08
C SER B 265 -8.22 23.68 -0.42
N ARG B 266 -9.24 24.06 0.36
CA ARG B 266 -10.02 25.25 0.17
C ARG B 266 -10.19 25.94 1.53
N LYS B 267 -9.12 26.00 2.30
CA LYS B 267 -9.15 26.50 3.66
C LYS B 267 -9.54 27.98 3.70
N GLU B 268 -9.01 28.80 2.79
CA GLU B 268 -9.21 30.23 2.91
C GLU B 268 -10.70 30.56 2.76
N GLY B 269 -11.37 29.93 1.80
CA GLY B 269 -12.81 30.14 1.60
C GLY B 269 -13.66 29.62 2.74
N GLN B 270 -13.13 28.73 3.58
CA GLN B 270 -13.87 28.13 4.73
C GLN B 270 -13.75 29.00 5.99
N ARG B 271 -13.02 30.11 5.96
CA ARG B 271 -12.85 30.94 7.17
C ARG B 271 -14.13 31.73 7.49
N GLN B 272 -14.38 31.93 8.80
CA GLN B 272 -15.57 32.65 9.27
C GLN B 272 -15.70 34.00 8.55
N GLU B 273 -14.62 34.71 8.32
CA GLU B 273 -14.72 36.10 7.84
C GLU B 273 -14.98 36.09 6.32
N ASN B 274 -14.88 34.93 5.69
CA ASN B 274 -15.05 34.81 4.24
C ASN B 274 -16.39 34.12 3.90
N LYS B 275 -17.10 33.56 4.88
CA LYS B 275 -18.24 32.69 4.59
C LYS B 275 -19.33 33.45 3.80
N ASN B 276 -19.63 34.68 4.14
CA ASN B 276 -20.73 35.37 3.40
C ASN B 276 -20.19 36.01 2.10
N LYS B 277 -18.97 35.68 1.73
CA LYS B 277 -18.40 36.13 0.44
C LYS B 277 -18.55 35.06 -0.64
N ASN B 278 -19.17 33.95 -0.26
CA ASN B 278 -19.36 32.79 -1.14
C ASN B 278 -20.87 32.71 -1.44
N ARG B 279 -21.23 32.56 -2.70
CA ARG B 279 -22.62 32.48 -3.09
C ARG B 279 -23.18 31.15 -2.57
N TYR B 280 -22.41 30.07 -2.67
CA TYR B 280 -22.78 28.76 -2.09
C TYR B 280 -21.67 28.34 -1.10
N LYS B 281 -22.03 28.05 0.14
CA LYS B 281 -21.04 27.94 1.22
C LYS B 281 -19.98 26.86 0.95
N ASN B 282 -20.28 25.84 0.15
CA ASN B 282 -19.35 24.72 -0.06
C ASN B 282 -18.72 24.76 -1.44
N ILE B 283 -19.05 25.75 -2.29
CA ILE B 283 -18.39 25.88 -3.59
C ILE B 283 -17.31 26.96 -3.44
N LEU B 284 -16.06 26.52 -3.32
CA LEU B 284 -14.98 27.36 -2.80
C LEU B 284 -13.77 27.26 -3.75
N PRO B 285 -12.97 28.33 -3.78
CA PRO B 285 -11.79 28.32 -4.63
C PRO B 285 -10.65 27.51 -3.97
N PHE B 286 -9.90 26.76 -4.78
CA PHE B 286 -8.71 26.13 -4.27
C PHE B 286 -7.76 27.20 -3.74
N ASP B 287 -7.13 26.92 -2.60
CA ASP B 287 -6.16 27.87 -2.04
C ASP B 287 -4.98 28.14 -2.98
N HIS B 288 -4.54 27.12 -3.71
CA HIS B 288 -3.24 27.23 -4.44
C HIS B 288 -3.42 28.01 -5.75
N THR B 289 -4.66 28.25 -6.17
CA THR B 289 -4.92 29.08 -7.39
C THR B 289 -5.88 30.25 -7.15
N ARG B 290 -6.32 30.49 -5.92
CA ARG B 290 -7.28 31.58 -5.69
C ARG B 290 -6.63 32.92 -6.03
N VAL B 291 -7.47 33.86 -6.45
CA VAL B 291 -7.04 35.24 -6.63
C VAL B 291 -6.92 35.93 -5.27
N VAL B 292 -5.72 36.33 -4.90
CA VAL B 292 -5.46 37.01 -3.63
C VAL B 292 -5.48 38.53 -3.84
N LEU B 293 -6.37 39.22 -3.12
CA LEU B 293 -6.51 40.66 -3.25
C LEU B 293 -5.53 41.35 -2.30
N HIS B 294 -4.73 42.24 -2.85
CA HIS B 294 -3.73 42.93 -2.04
C HIS B 294 -4.21 44.36 -1.79
N ASP B 295 -3.48 45.11 -0.98
CA ASP B 295 -3.80 46.52 -0.69
C ASP B 295 -5.28 46.77 -0.33
N GLY B 296 -5.86 45.87 0.46
CA GLY B 296 -7.19 46.08 1.02
C GLY B 296 -7.16 47.03 2.21
N ASP B 297 -8.35 47.36 2.70
CA ASP B 297 -8.50 48.19 3.88
C ASP B 297 -7.91 47.45 5.10
N PRO B 298 -6.84 48.01 5.72
CA PRO B 298 -6.30 47.51 7.00
C PRO B 298 -7.38 47.18 8.04
N ASN B 299 -8.45 47.99 8.09
CA ASN B 299 -9.55 47.79 9.05
C ASN B 299 -10.51 46.72 8.51
N VAL B 302 -10.13 40.46 7.27
CA VAL B 302 -9.70 39.80 6.03
C VAL B 302 -10.17 40.60 4.81
N SER B 303 -9.21 41.10 4.04
CA SER B 303 -9.46 41.91 2.85
C SER B 303 -8.91 41.23 1.59
N ASP B 304 -8.39 40.00 1.71
CA ASP B 304 -7.67 39.37 0.57
C ASP B 304 -8.46 38.32 -0.20
N TYR B 305 -9.75 38.16 0.12
CA TYR B 305 -10.50 36.98 -0.34
C TYR B 305 -11.58 37.39 -1.35
N ILE B 306 -11.63 36.60 -2.41
CA ILE B 306 -12.71 36.60 -3.38
C ILE B 306 -12.84 35.15 -3.90
N ASN B 307 -14.07 34.71 -4.12
CA ASN B 307 -14.32 33.38 -4.67
C ASN B 307 -14.07 33.42 -6.20
N ALA B 308 -12.78 33.22 -6.54
CA ALA B 308 -12.24 33.34 -7.89
C ALA B 308 -10.93 32.53 -7.94
N ASN B 309 -10.67 31.91 -9.09
CA ASN B 309 -9.39 31.26 -9.32
C ASN B 309 -8.82 31.67 -10.67
N ILE B 310 -7.49 31.77 -10.69
CA ILE B 310 -6.73 31.87 -11.93
C ILE B 310 -6.75 30.53 -12.67
N ILE B 311 -7.12 30.58 -13.95
CA ILE B 311 -7.05 29.44 -14.81
C ILE B 311 -6.00 29.72 -15.89
N MET B 312 -4.95 28.94 -15.84
CA MET B 312 -3.81 29.08 -16.68
C MET B 312 -3.73 27.78 -17.50
N PRO B 313 -3.97 27.87 -18.81
CA PRO B 313 -3.97 26.67 -19.64
C PRO B 313 -2.55 26.12 -19.69
N GLU B 314 -2.38 24.79 -19.69
CA GLU B 314 -1.06 24.14 -19.74
C GLU B 314 -1.25 22.65 -20.05
N LYS B 325 -0.67 32.03 -23.97
CA LYS B 325 -0.58 33.34 -23.34
C LYS B 325 -1.89 33.65 -22.62
N LYS B 326 -3.04 33.42 -23.27
CA LYS B 326 -4.32 33.88 -22.66
C LYS B 326 -4.60 33.10 -21.37
N SER B 327 -4.83 33.81 -20.29
CA SER B 327 -5.27 33.17 -19.05
C SER B 327 -6.67 33.67 -18.67
N TYR B 328 -7.31 33.01 -17.69
CA TYR B 328 -8.67 33.36 -17.27
C TYR B 328 -8.71 33.57 -15.75
N ILE B 329 -9.70 34.32 -15.30
CA ILE B 329 -10.19 34.22 -13.92
C ILE B 329 -11.63 33.65 -13.97
N ALA B 330 -11.85 32.52 -13.33
CA ALA B 330 -13.12 31.91 -13.22
C ALA B 330 -13.72 32.31 -11.87
N THR B 331 -14.85 33.02 -11.87
CA THR B 331 -15.40 33.48 -10.61
C THR B 331 -16.92 33.31 -10.63
N GLN B 332 -17.47 33.59 -9.47
CA GLN B 332 -18.90 33.48 -9.27
C GLN B 332 -19.55 34.81 -9.66
N GLY B 333 -20.86 34.77 -9.84
CA GLY B 333 -21.65 36.01 -9.86
C GLY B 333 -21.51 36.77 -8.54
N CYS B 334 -21.41 38.09 -8.64
CA CYS B 334 -21.26 38.95 -7.45
C CYS B 334 -22.44 38.81 -6.50
N LEU B 335 -22.12 38.94 -5.22
CA LEU B 335 -23.08 39.25 -4.17
C LEU B 335 -23.05 40.77 -3.93
N GLN B 336 -24.04 41.33 -3.26
CA GLN B 336 -24.08 42.79 -3.12
C GLN B 336 -22.85 43.18 -2.26
N ASN B 337 -22.45 42.32 -1.34
CA ASN B 337 -21.28 42.58 -0.45
C ASN B 337 -19.95 42.12 -1.09
N THR B 338 -19.90 41.63 -2.33
CA THR B 338 -18.59 41.36 -2.97
C THR B 338 -18.38 42.22 -4.23
N VAL B 339 -19.29 43.12 -4.57
CA VAL B 339 -19.11 43.92 -5.78
C VAL B 339 -17.82 44.76 -5.70
N ASN B 340 -17.52 45.32 -4.51
CA ASN B 340 -16.31 46.14 -4.38
C ASN B 340 -15.07 45.26 -4.58
N ASP B 341 -15.06 44.05 -4.02
CA ASP B 341 -13.92 43.14 -4.23
C ASP B 341 -13.79 42.68 -5.67
N PHE B 342 -14.92 42.50 -6.36
CA PHE B 342 -14.87 42.16 -7.74
C PHE B 342 -14.13 43.24 -8.53
N TRP B 343 -14.41 44.52 -8.27
CA TRP B 343 -13.72 45.55 -9.04
C TRP B 343 -12.25 45.69 -8.59
N ARG B 344 -11.94 45.49 -7.30
CA ARG B 344 -10.54 45.43 -6.87
C ARG B 344 -9.79 44.34 -7.66
N MET B 345 -10.42 43.19 -7.88
CA MET B 345 -9.78 42.06 -8.58
C MET B 345 -9.47 42.43 -10.05
N VAL B 346 -10.45 43.02 -10.72
CA VAL B 346 -10.33 43.41 -12.12
C VAL B 346 -9.21 44.43 -12.27
N PHE B 347 -9.20 45.42 -11.41
CA PHE B 347 -8.14 46.44 -11.42
C PHE B 347 -6.78 45.78 -11.19
N GLN B 348 -6.67 45.02 -10.11
CA GLN B 348 -5.42 44.44 -9.67
C GLN B 348 -4.81 43.50 -10.70
N GLU B 349 -5.62 42.70 -11.37
CA GLU B 349 -5.14 41.71 -12.34
C GLU B 349 -5.05 42.29 -13.76
N ASN B 350 -5.34 43.59 -13.92
CA ASN B 350 -5.26 44.29 -15.19
C ASN B 350 -6.19 43.65 -16.25
N SER B 351 -7.31 43.03 -15.84
CA SER B 351 -8.26 42.45 -16.79
C SER B 351 -8.94 43.59 -17.57
N ARG B 352 -9.06 43.35 -18.87
CA ARG B 352 -9.70 44.30 -19.81
C ARG B 352 -10.95 43.72 -20.45
N VAL B 353 -11.22 42.45 -20.18
CA VAL B 353 -12.37 41.76 -20.76
C VAL B 353 -13.06 40.92 -19.68
N ILE B 354 -14.38 41.08 -19.58
CA ILE B 354 -15.23 40.28 -18.73
C ILE B 354 -16.27 39.55 -19.59
N VAL B 355 -16.44 38.27 -19.31
CA VAL B 355 -17.48 37.45 -19.90
C VAL B 355 -18.48 37.05 -18.81
N MET B 356 -19.72 37.47 -19.00
CA MET B 356 -20.83 37.11 -18.12
C MET B 356 -21.72 36.09 -18.85
N THR B 357 -22.00 34.92 -18.28
CA THR B 357 -22.75 33.84 -19.03
C THR B 357 -24.13 33.48 -18.45
N THR B 358 -24.69 34.41 -17.72
CA THR B 358 -25.94 34.29 -17.07
C THR B 358 -26.69 35.61 -17.23
N LYS B 359 -28.00 35.58 -17.35
CA LYS B 359 -28.81 36.76 -17.04
C LYS B 359 -28.66 37.10 -15.56
N GLU B 360 -28.97 38.33 -15.18
CA GLU B 360 -29.00 38.68 -13.74
C GLU B 360 -30.02 37.79 -13.02
N VAL B 361 -31.12 37.48 -13.71
CA VAL B 361 -32.20 36.68 -13.12
C VAL B 361 -32.62 35.58 -14.12
N GLU B 362 -32.68 34.34 -13.67
CA GLU B 362 -33.21 33.22 -14.49
C GLU B 362 -34.17 32.38 -13.65
N ARG B 363 -35.29 31.98 -14.25
CA ARG B 363 -36.37 31.22 -13.57
C ARG B 363 -36.71 31.94 -12.25
N GLY B 364 -36.89 33.25 -12.33
CA GLY B 364 -37.23 34.11 -11.18
C GLY B 364 -36.23 34.06 -10.04
N LYS B 365 -35.05 33.46 -10.24
CA LYS B 365 -33.99 33.46 -9.23
C LYS B 365 -32.82 34.32 -9.72
N SER B 366 -32.13 34.95 -8.76
CA SER B 366 -30.99 35.83 -9.04
C SER B 366 -29.71 34.98 -9.15
N LYS B 367 -28.91 35.27 -10.17
CA LYS B 367 -27.69 34.51 -10.48
C LYS B 367 -26.44 35.40 -10.37
N CYS B 368 -26.57 36.68 -10.71
CA CYS B 368 -25.47 37.69 -10.54
CA CYS B 368 -25.51 37.70 -10.63
C CYS B 368 -26.09 39.05 -10.24
N VAL B 369 -25.62 39.71 -9.19
CA VAL B 369 -26.13 41.05 -9.00
C VAL B 369 -25.51 41.95 -10.09
N LYS B 370 -26.20 43.03 -10.35
CA LYS B 370 -25.76 44.04 -11.26
C LYS B 370 -24.58 44.75 -10.61
N TYR B 371 -23.41 44.71 -11.23
CA TYR B 371 -22.22 45.28 -10.64
C TYR B 371 -21.67 46.39 -11.53
N TRP B 372 -22.43 46.80 -12.55
CA TRP B 372 -22.00 47.83 -13.45
C TRP B 372 -23.06 48.94 -13.45
N PRO B 373 -22.68 50.15 -13.78
CA PRO B 373 -23.66 51.21 -13.87
C PRO B 373 -24.54 51.15 -15.15
N ASP B 374 -25.71 51.75 -15.07
CA ASP B 374 -26.58 52.01 -16.25
C ASP B 374 -25.80 52.71 -17.32
N GLU B 375 -26.17 52.50 -18.58
CA GLU B 375 -25.50 53.24 -19.69
C GLU B 375 -25.48 54.76 -19.41
N TYR B 376 -24.31 55.35 -19.66
CA TYR B 376 -23.94 56.76 -19.54
C TYR B 376 -23.67 57.14 -18.08
N ALA B 377 -23.92 56.27 -17.12
CA ALA B 377 -23.80 56.60 -15.72
C ALA B 377 -22.40 56.24 -15.19
N LEU B 378 -22.12 56.81 -14.04
CA LEU B 378 -20.85 56.64 -13.30
C LEU B 378 -21.18 56.27 -11.85
N LYS B 379 -20.51 55.25 -11.33
CA LYS B 379 -20.72 54.77 -9.96
C LYS B 379 -19.37 54.52 -9.29
N GLU B 380 -19.31 54.77 -7.99
CA GLU B 380 -18.18 54.34 -7.18
C GLU B 380 -18.55 53.05 -6.45
N TYR B 381 -17.60 52.12 -6.52
CA TYR B 381 -17.64 50.85 -5.87
C TYR B 381 -16.41 50.79 -4.94
N GLY B 382 -16.60 51.25 -3.72
CA GLY B 382 -15.47 51.51 -2.79
C GLY B 382 -14.45 52.45 -3.40
N VAL B 383 -13.21 51.99 -3.54
CA VAL B 383 -12.10 52.85 -4.04
C VAL B 383 -12.10 52.87 -5.57
N MET B 384 -12.95 52.06 -6.20
CA MET B 384 -12.98 52.00 -7.66
C MET B 384 -14.15 52.83 -8.17
N ARG B 385 -14.02 53.35 -9.37
CA ARG B 385 -15.12 54.03 -10.04
C ARG B 385 -15.23 53.45 -11.45
N VAL B 386 -16.47 53.33 -11.91
CA VAL B 386 -16.77 52.74 -13.20
C VAL B 386 -17.76 53.67 -13.94
N ARG B 387 -17.40 54.03 -15.17
CA ARG B 387 -18.28 54.69 -16.10
C ARG B 387 -18.72 53.65 -17.14
N ASN B 388 -20.03 53.57 -17.36
CA ASN B 388 -20.60 52.79 -18.47
C ASN B 388 -20.70 53.75 -19.67
N VAL B 389 -19.73 53.63 -20.57
CA VAL B 389 -19.53 54.57 -21.65
C VAL B 389 -20.61 54.38 -22.72
N LYS B 390 -20.92 53.14 -23.02
CA LYS B 390 -21.76 52.82 -24.16
C LYS B 390 -22.06 51.32 -24.13
N GLU B 391 -23.30 50.99 -24.42
CA GLU B 391 -23.74 49.64 -24.59
C GLU B 391 -24.02 49.38 -26.07
N SER B 392 -23.74 48.15 -26.51
CA SER B 392 -24.05 47.75 -27.88
C SER B 392 -24.74 46.40 -27.79
N ALA B 393 -25.96 46.30 -28.30
CA ALA B 393 -26.73 45.07 -28.14
C ALA B 393 -26.66 44.24 -29.44
N ALA B 394 -26.44 42.95 -29.28
CA ALA B 394 -26.58 42.00 -30.36
C ALA B 394 -27.67 41.02 -29.91
N HIS B 395 -28.07 40.07 -30.74
CA HIS B 395 -29.13 39.14 -30.32
C HIS B 395 -28.66 38.29 -29.11
N ASP B 396 -27.46 37.75 -29.20
CA ASP B 396 -27.00 36.81 -28.20
C ASP B 396 -26.35 37.46 -26.98
N TYR B 397 -25.92 38.70 -27.11
CA TYR B 397 -25.15 39.34 -26.06
C TYR B 397 -25.25 40.87 -26.16
N THR B 398 -24.96 41.51 -25.04
CA THR B 398 -24.76 42.93 -24.92
C THR B 398 -23.31 43.20 -24.56
N LEU B 399 -22.71 44.16 -25.25
CA LEU B 399 -21.36 44.61 -24.93
C LEU B 399 -21.46 45.93 -24.18
N ARG B 400 -20.82 46.05 -23.03
CA ARG B 400 -20.79 47.31 -22.29
C ARG B 400 -19.33 47.75 -22.24
N GLU B 401 -19.11 48.96 -22.72
CA GLU B 401 -17.82 49.57 -22.65
C GLU B 401 -17.71 50.35 -21.33
N LEU B 402 -16.88 49.83 -20.41
CA LEU B 402 -16.73 50.40 -19.07
C LEU B 402 -15.35 51.04 -18.97
N LYS B 403 -15.29 52.13 -18.23
CA LYS B 403 -14.03 52.75 -17.88
C LYS B 403 -13.81 52.59 -16.37
N LEU B 404 -12.78 51.89 -16.01
CA LEU B 404 -12.49 51.59 -14.58
C LEU B 404 -11.27 52.39 -14.12
N SER B 405 -11.39 53.02 -12.95
CA SER B 405 -10.28 53.77 -12.38
C SER B 405 -10.36 53.71 -10.86
N LYS B 406 -9.24 54.06 -10.22
CA LYS B 406 -9.16 54.26 -8.80
C LYS B 406 -9.54 55.71 -8.49
N VAL B 407 -10.43 55.86 -7.52
CA VAL B 407 -10.85 57.15 -7.07
C VAL B 407 -9.61 57.91 -6.60
N GLY B 408 -9.50 59.17 -7.04
CA GLY B 408 -8.44 60.04 -6.63
C GLY B 408 -7.20 59.94 -7.52
N GLN B 409 -7.22 59.12 -8.56
CA GLN B 409 -6.01 58.87 -9.38
C GLN B 409 -6.39 58.82 -10.86
N GLY B 410 -6.27 59.96 -11.51
CA GLY B 410 -6.61 60.13 -12.93
C GLY B 410 -5.93 59.09 -13.80
N ASN B 411 -4.62 58.91 -13.59
CA ASN B 411 -3.81 58.13 -14.51
C ASN B 411 -4.00 56.62 -14.32
N THR B 412 -5.09 56.12 -13.71
CA THR B 412 -5.23 54.67 -13.51
C THR B 412 -6.31 54.11 -14.44
N GLU B 413 -6.90 54.95 -15.26
CA GLU B 413 -8.08 54.56 -16.01
C GLU B 413 -7.71 53.55 -17.10
N ARG B 414 -8.51 52.49 -17.23
CA ARG B 414 -8.42 51.60 -18.40
C ARG B 414 -9.83 51.17 -18.80
N THR B 415 -10.00 50.82 -20.09
CA THR B 415 -11.27 50.36 -20.56
C THR B 415 -11.40 48.87 -20.26
N VAL B 416 -12.57 48.52 -19.78
CA VAL B 416 -12.93 47.13 -19.52
C VAL B 416 -14.17 46.82 -20.36
N TRP B 417 -14.04 45.79 -21.19
CA TRP B 417 -15.08 45.42 -22.12
C TRP B 417 -15.86 44.26 -21.54
N GLN B 418 -17.12 44.51 -21.21
CA GLN B 418 -17.97 43.48 -20.61
C GLN B 418 -18.91 42.89 -21.66
N TYR B 419 -18.73 41.60 -21.87
CA TYR B 419 -19.50 40.83 -22.81
C TYR B 419 -20.51 39.99 -22.01
N HIS B 420 -21.77 40.39 -22.12
CA HIS B 420 -22.85 39.76 -21.33
C HIS B 420 -23.70 38.85 -22.22
N PHE B 421 -23.46 37.55 -22.11
CA PHE B 421 -24.17 36.57 -22.94
C PHE B 421 -25.56 36.35 -22.36
N ARG B 422 -26.60 36.49 -23.19
CA ARG B 422 -27.95 36.61 -22.65
C ARG B 422 -28.83 35.44 -23.12
N THR B 423 -28.41 34.59 -24.06
CA THR B 423 -29.35 33.60 -24.64
C THR B 423 -29.06 32.16 -24.19
N TRP B 424 -28.17 31.94 -23.26
CA TRP B 424 -28.01 30.58 -22.76
C TRP B 424 -29.35 30.07 -22.19
N PRO B 425 -29.76 28.85 -22.54
CA PRO B 425 -31.10 28.42 -22.08
C PRO B 425 -31.13 28.21 -20.55
N ASP B 426 -32.30 28.37 -19.96
CA ASP B 426 -32.45 28.18 -18.51
C ASP B 426 -32.11 26.72 -18.22
N HIS B 427 -32.74 25.80 -18.97
CA HIS B 427 -32.48 24.34 -18.91
C HIS B 427 -31.36 23.93 -19.90
N GLY B 428 -30.26 23.40 -19.39
CA GLY B 428 -29.35 22.60 -20.23
C GLY B 428 -28.38 23.47 -21.04
N VAL B 429 -28.20 23.18 -22.33
CA VAL B 429 -27.17 23.82 -23.20
C VAL B 429 -27.82 24.29 -24.51
N PRO B 430 -27.24 25.28 -25.20
CA PRO B 430 -27.76 25.71 -26.49
C PRO B 430 -27.84 24.50 -27.46
N SER B 431 -28.88 24.44 -28.26
CA SER B 431 -29.00 23.37 -29.26
C SER B 431 -28.01 23.60 -30.42
N ASP B 432 -27.59 24.85 -30.63
CA ASP B 432 -26.70 25.19 -31.74
C ASP B 432 -25.53 25.97 -31.12
N PRO B 433 -24.29 25.53 -31.35
CA PRO B 433 -23.16 26.23 -30.74
C PRO B 433 -22.73 27.53 -31.43
N GLY B 434 -23.37 27.91 -32.55
CA GLY B 434 -22.91 29.03 -33.38
C GLY B 434 -22.90 30.34 -32.62
N GLY B 435 -23.91 30.58 -31.79
CA GLY B 435 -23.93 31.82 -31.02
C GLY B 435 -22.77 31.93 -30.05
N VAL B 436 -22.52 30.82 -29.32
CA VAL B 436 -21.44 30.79 -28.36
C VAL B 436 -20.12 30.97 -29.11
N LEU B 437 -19.95 30.35 -30.25
CA LEU B 437 -18.66 30.46 -30.99
C LEU B 437 -18.46 31.86 -31.54
N ASP B 438 -19.48 32.48 -32.14
CA ASP B 438 -19.35 33.86 -32.67
C ASP B 438 -19.01 34.83 -31.54
N PHE B 439 -19.60 34.60 -30.35
CA PHE B 439 -19.35 35.41 -29.19
C PHE B 439 -17.90 35.27 -28.70
N LEU B 440 -17.41 34.03 -28.57
CA LEU B 440 -16.02 33.84 -28.12
C LEU B 440 -15.04 34.37 -29.17
N GLU B 441 -15.38 34.25 -30.45
CA GLU B 441 -14.52 34.80 -31.48
C GLU B 441 -14.33 36.30 -31.25
N GLU B 442 -15.44 36.99 -30.95
CA GLU B 442 -15.39 38.41 -30.73
C GLU B 442 -14.61 38.74 -29.46
N VAL B 443 -14.85 38.00 -28.39
CA VAL B 443 -14.14 38.16 -27.12
C VAL B 443 -12.64 38.00 -27.33
N HIS B 444 -12.28 36.97 -28.09
CA HIS B 444 -10.90 36.66 -28.35
C HIS B 444 -10.21 37.82 -29.07
N HIS B 445 -10.89 38.36 -30.09
CA HIS B 445 -10.26 39.43 -30.87
C HIS B 445 -10.11 40.68 -30.01
N LYS B 446 -11.08 40.96 -29.16
CA LYS B 446 -10.99 42.13 -28.29
C LYS B 446 -9.75 41.99 -27.41
N GLN B 447 -9.63 40.84 -26.75
CA GLN B 447 -8.52 40.59 -25.86
C GLN B 447 -7.19 40.75 -26.58
N GLU B 448 -7.10 40.17 -27.77
CA GLU B 448 -5.85 40.15 -28.52
C GLU B 448 -5.50 41.56 -29.01
N SER B 449 -6.48 42.45 -29.17
CA SER B 449 -6.28 43.84 -29.62
C SER B 449 -5.69 44.72 -28.50
N ILE B 450 -5.66 44.27 -27.24
CA ILE B 450 -5.24 45.15 -26.14
C ILE B 450 -3.86 44.72 -25.63
N MET B 451 -2.86 45.55 -25.85
CA MET B 451 -1.50 45.29 -25.35
C MET B 451 -1.51 45.06 -23.84
N ASP B 452 -0.89 43.98 -23.40
CA ASP B 452 -0.74 43.69 -21.97
C ASP B 452 -2.00 43.48 -21.18
N ALA B 453 -3.13 43.25 -21.84
CA ALA B 453 -4.34 42.88 -21.09
C ALA B 453 -4.04 41.71 -20.15
N GLY B 454 -4.63 41.75 -18.97
CA GLY B 454 -4.51 40.65 -18.02
C GLY B 454 -5.49 39.54 -18.36
N PRO B 455 -5.80 38.67 -17.38
CA PRO B 455 -6.68 37.53 -17.65
C PRO B 455 -8.10 37.97 -17.96
N VAL B 456 -8.77 37.16 -18.77
CA VAL B 456 -10.12 37.36 -19.11
C VAL B 456 -10.98 36.81 -17.97
N VAL B 457 -11.84 37.66 -17.43
CA VAL B 457 -12.68 37.28 -16.31
C VAL B 457 -13.93 36.60 -16.87
N VAL B 458 -14.24 35.42 -16.36
CA VAL B 458 -15.39 34.68 -16.82
C VAL B 458 -16.23 34.27 -15.63
N HIS B 459 -17.51 34.61 -15.67
CA HIS B 459 -18.29 34.32 -14.47
C HIS B 459 -19.72 33.96 -14.90
N CYS B 460 -20.36 33.10 -14.13
CA CYS B 460 -21.78 32.79 -14.28
C CYS B 460 -22.42 33.04 -12.90
N SER B 461 -22.98 31.99 -12.31
CA SER B 461 -23.65 31.91 -11.03
C SER B 461 -22.66 31.41 -9.97
N ALA B 462 -22.43 30.09 -9.93
CA ALA B 462 -21.41 29.50 -9.02
C ALA B 462 -20.03 29.63 -9.62
N GLY B 463 -19.93 29.88 -10.92
CA GLY B 463 -18.64 30.07 -11.55
C GLY B 463 -17.92 28.77 -11.92
N ILE B 464 -18.67 27.68 -12.10
CA ILE B 464 -18.02 26.39 -12.42
C ILE B 464 -18.65 25.72 -13.65
N GLY B 465 -19.99 25.77 -13.80
CA GLY B 465 -20.66 25.01 -14.93
C GLY B 465 -20.53 25.70 -16.29
N ARG B 466 -21.34 26.73 -16.51
CA ARG B 466 -21.21 27.49 -17.77
C ARG B 466 -19.81 28.12 -17.88
N THR B 467 -19.29 28.64 -16.77
CA THR B 467 -17.97 29.29 -16.74
C THR B 467 -16.87 28.32 -17.23
N GLY B 468 -16.86 27.12 -16.67
CA GLY B 468 -15.95 26.09 -17.17
C GLY B 468 -16.18 25.73 -18.63
N THR B 469 -17.44 25.68 -19.08
CA THR B 469 -17.75 25.24 -20.44
C THR B 469 -17.26 26.30 -21.44
N PHE B 470 -17.51 27.58 -21.14
CA PHE B 470 -16.96 28.66 -22.03
C PHE B 470 -15.43 28.65 -22.03
N ILE B 471 -14.80 28.49 -20.86
CA ILE B 471 -13.33 28.55 -20.83
C ILE B 471 -12.76 27.36 -21.60
N VAL B 472 -13.29 26.15 -21.42
CA VAL B 472 -12.71 25.01 -22.10
C VAL B 472 -12.88 25.15 -23.63
N ILE B 473 -14.04 25.60 -24.09
CA ILE B 473 -14.24 25.83 -25.52
C ILE B 473 -13.21 26.85 -25.99
N ASP B 474 -13.06 27.92 -25.24
CA ASP B 474 -12.09 28.93 -25.61
C ASP B 474 -10.67 28.39 -25.75
N ILE B 475 -10.24 27.56 -24.80
CA ILE B 475 -8.89 26.99 -24.86
C ILE B 475 -8.74 26.14 -26.12
N LEU B 476 -9.74 25.30 -26.39
CA LEU B 476 -9.65 24.35 -27.52
C LEU B 476 -9.67 25.12 -28.85
N ILE B 477 -10.60 26.05 -29.03
CA ILE B 477 -10.64 26.75 -30.29
C ILE B 477 -9.37 27.61 -30.44
N ASP B 478 -8.83 28.16 -29.35
CA ASP B 478 -7.51 28.84 -29.41
C ASP B 478 -6.41 28.00 -30.06
N ILE B 479 -6.33 26.73 -29.70
CA ILE B 479 -5.35 25.84 -30.30
C ILE B 479 -5.59 25.75 -31.82
N ILE B 480 -6.85 25.55 -32.23
CA ILE B 480 -7.17 25.31 -33.62
C ILE B 480 -6.96 26.60 -34.42
N ARG B 481 -7.32 27.73 -33.83
CA ARG B 481 -7.14 29.05 -34.53
C ARG B 481 -5.66 29.29 -34.83
N GLU B 482 -4.79 28.95 -33.89
CA GLU B 482 -3.35 29.12 -34.06
C GLU B 482 -2.77 28.03 -34.97
N LYS B 483 -3.01 26.75 -34.64
CA LYS B 483 -2.32 25.65 -35.34
C LYS B 483 -3.09 25.19 -36.58
N GLY B 484 -4.32 25.65 -36.75
CA GLY B 484 -5.16 25.19 -37.85
C GLY B 484 -5.72 23.80 -37.61
N VAL B 485 -6.47 23.33 -38.60
CA VAL B 485 -7.21 22.09 -38.55
C VAL B 485 -6.30 20.91 -38.19
N ASP B 486 -4.99 20.98 -38.51
CA ASP B 486 -4.05 19.88 -38.19
C ASP B 486 -3.29 20.03 -36.88
N CYS B 487 -3.98 19.77 -35.78
CA CYS B 487 -3.40 19.83 -34.46
C CYS B 487 -4.06 18.77 -33.57
N ASP B 488 -3.41 18.43 -32.48
CA ASP B 488 -4.02 17.49 -31.54
C ASP B 488 -4.84 18.25 -30.51
N ILE B 489 -6.02 17.72 -30.21
CA ILE B 489 -6.82 18.19 -29.10
C ILE B 489 -7.30 16.99 -28.28
N ASP B 490 -7.52 17.25 -27.00
CA ASP B 490 -7.87 16.24 -26.02
C ASP B 490 -8.81 16.90 -24.98
N VAL B 491 -10.11 16.70 -25.22
CA VAL B 491 -11.16 17.40 -24.50
C VAL B 491 -11.10 17.04 -23.01
N PRO B 492 -11.18 15.73 -22.66
CA PRO B 492 -11.15 15.42 -21.21
C PRO B 492 -9.82 15.79 -20.52
N LYS B 493 -8.70 15.65 -21.21
CA LYS B 493 -7.42 16.06 -20.63
C LYS B 493 -7.46 17.56 -20.31
N THR B 494 -8.00 18.35 -21.24
CA THR B 494 -8.09 19.83 -21.08
C THR B 494 -8.97 20.14 -19.86
N ILE B 495 -10.13 19.49 -19.78
CA ILE B 495 -11.05 19.69 -18.67
C ILE B 495 -10.39 19.28 -17.35
N GLN B 496 -9.63 18.18 -17.30
CA GLN B 496 -9.02 17.76 -16.02
C GLN B 496 -8.02 18.82 -15.57
N MET B 497 -7.27 19.35 -16.51
CA MET B 497 -6.27 20.40 -16.26
C MET B 497 -6.92 21.68 -15.72
N VAL B 498 -8.07 22.00 -16.26
CA VAL B 498 -8.85 23.19 -15.74
C VAL B 498 -9.48 22.90 -14.35
N ARG B 499 -10.01 21.69 -14.17
CA ARG B 499 -10.58 21.23 -12.92
C ARG B 499 -9.56 21.16 -11.77
N SER B 500 -8.27 21.09 -12.10
CA SER B 500 -7.23 21.13 -11.09
C SER B 500 -7.00 22.57 -10.60
N GLN B 501 -7.64 23.54 -11.24
CA GLN B 501 -7.43 24.95 -10.87
C GLN B 501 -8.70 25.58 -10.30
N ARG B 502 -9.90 25.00 -10.52
CA ARG B 502 -11.12 25.37 -9.82
C ARG B 502 -12.07 24.19 -9.82
N SER B 503 -12.74 24.01 -8.69
CA SER B 503 -13.56 22.82 -8.42
C SER B 503 -14.68 22.67 -9.45
N GLY B 504 -14.74 21.53 -10.12
CA GLY B 504 -15.92 21.09 -10.83
C GLY B 504 -16.15 21.86 -12.13
N MET B 505 -15.08 22.39 -12.70
CA MET B 505 -15.19 23.12 -13.98
C MET B 505 -15.76 22.17 -15.05
N VAL B 506 -16.87 22.56 -15.67
CA VAL B 506 -17.72 21.70 -16.51
C VAL B 506 -18.46 20.71 -15.62
N GLN B 507 -19.76 20.92 -15.50
CA GLN B 507 -20.63 20.29 -14.50
C GLN B 507 -21.32 19.04 -15.06
N THR B 508 -21.68 19.01 -16.34
CA THR B 508 -22.68 18.01 -16.74
C THR B 508 -22.28 17.32 -18.05
N GLU B 509 -22.85 16.16 -18.28
CA GLU B 509 -22.60 15.46 -19.52
C GLU B 509 -23.10 16.29 -20.71
N ALA B 510 -24.21 17.02 -20.53
CA ALA B 510 -24.75 17.87 -21.59
C ALA B 510 -23.73 18.94 -22.02
N GLN B 511 -23.03 19.54 -21.05
CA GLN B 511 -21.96 20.56 -21.32
C GLN B 511 -20.77 19.89 -22.00
N TYR B 512 -20.45 18.68 -21.56
CA TYR B 512 -19.34 17.92 -22.14
C TYR B 512 -19.59 17.70 -23.64
N ARG B 513 -20.79 17.21 -23.97
CA ARG B 513 -21.23 16.97 -25.34
C ARG B 513 -21.24 18.29 -26.12
N PHE B 514 -21.70 19.35 -25.48
CA PHE B 514 -21.73 20.65 -26.11
C PHE B 514 -20.32 21.14 -26.49
N ILE B 515 -19.31 20.84 -25.68
CA ILE B 515 -17.91 21.24 -25.94
C ILE B 515 -17.49 20.57 -27.26
N TYR B 516 -17.73 19.25 -27.37
CA TYR B 516 -17.43 18.53 -28.61
C TYR B 516 -18.15 19.16 -29.80
N MET B 517 -19.45 19.44 -29.65
CA MET B 517 -20.26 20.04 -30.73
C MET B 517 -19.73 21.42 -31.11
N ALA B 518 -19.32 22.20 -30.13
CA ALA B 518 -18.75 23.52 -30.42
C ALA B 518 -17.48 23.36 -31.27
N VAL B 519 -16.60 22.46 -30.87
CA VAL B 519 -15.31 22.35 -31.58
C VAL B 519 -15.56 21.85 -33.00
N GLN B 520 -16.51 20.92 -33.16
CA GLN B 520 -16.88 20.38 -34.45
C GLN B 520 -17.46 21.48 -35.35
N HIS B 521 -18.27 22.37 -34.79
CA HIS B 521 -18.88 23.46 -35.54
C HIS B 521 -17.79 24.46 -35.95
N TYR B 522 -16.91 24.80 -35.02
CA TYR B 522 -15.79 25.68 -35.32
C TYR B 522 -14.97 25.17 -36.51
N ILE B 523 -14.58 23.89 -36.47
CA ILE B 523 -13.77 23.26 -37.53
C ILE B 523 -14.52 23.35 -38.88
N GLU B 524 -15.80 23.01 -38.84
CA GLU B 524 -16.64 22.97 -40.03
C GLU B 524 -16.80 24.37 -40.63
N THR B 525 -16.90 25.43 -39.82
CA THR B 525 -17.02 26.79 -40.37
C THR B 525 -15.73 27.20 -41.10
N LEU B 526 -14.56 26.86 -40.55
CA LEU B 526 -13.25 27.16 -41.19
C LEU B 526 -13.18 26.47 -42.56
N GLN B 527 -13.56 25.20 -42.59
CA GLN B 527 -13.51 24.42 -43.82
C GLN B 527 -14.54 24.97 -44.83
N ARG B 528 -15.72 25.41 -44.36
CA ARG B 528 -16.70 26.07 -45.24
C ARG B 528 -16.06 27.33 -45.85
N ARG B 529 -15.33 28.07 -45.03
CA ARG B 529 -14.64 29.29 -45.45
C ARG B 529 -13.60 28.95 -46.54
N LEU B 530 -12.92 27.80 -46.44
CA LEU B 530 -11.92 27.42 -47.45
C LEU B 530 -12.61 27.10 -48.78
N GLU B 531 -13.59 26.20 -48.75
CA GLU B 531 -14.22 25.73 -49.97
C GLU B 531 -14.98 26.89 -50.63
#